data_2Y56
#
_entry.id   2Y56
#
_cell.length_a   218.930
_cell.length_b   218.930
_cell.length_c   218.930
_cell.angle_alpha   90.00
_cell.angle_beta   90.00
_cell.angle_gamma   90.00
#
_symmetry.space_group_name_H-M   'I 2 3'
#
loop_
_entity.id
_entity.type
_entity.pdbx_description
1 polymer 'SOLUBLE ACETYLCHOLINE RECEPTOR'
2 non-polymer '[(1S,5R)-8-[(2R)-2-HYDROXY-2-PHENYL-ETHYL]-8-AZABICYCLO[3.2.1]OCTAN-3-YL] BENZOATE'
3 non-polymer 'CHLORIDE ION'
4 non-polymer 'SULFATE ION'
5 non-polymer GLYCEROL
#
_entity_poly.entity_id   1
_entity_poly.type   'polypeptide(L)'
_entity_poly.pdbx_seq_one_letter_code
;QANLMRLKSDLFNRSPMYPGPTKDDPLTVTLGFTLQDIVKVDSSTNEVDLVYYEQQRWKLNSLMWDPNEYGNITDFRTSA
ADIWTPDITAYSSTRPVQVLSPQIAVVTHDGSVMFIPAQRLSFMCDPTGVDSEEGVTCAVKFGSWVYSGFEIDLKTDTDQ
VDLSSYYASSKYEILSATQTRQVQHYSCCPEPYIDVNLVVKFRERRAGNGFFRNLFD
;
_entity_poly.pdbx_strand_id   A,B,C,D,E
#
# COMPACT_ATOMS: atom_id res chain seq x y z
N GLN A 1 -24.42 27.01 5.66
CA GLN A 1 -23.27 26.33 5.09
C GLN A 1 -22.99 26.80 3.67
N ALA A 2 -23.99 27.45 3.05
CA ALA A 2 -24.00 27.99 1.69
C ALA A 2 -22.84 28.95 1.41
N ASN A 3 -22.51 29.81 2.39
CA ASN A 3 -21.43 30.79 2.25
C ASN A 3 -20.07 30.12 2.20
N LEU A 4 -19.80 29.17 3.11
CA LEU A 4 -18.52 28.45 3.15
C LEU A 4 -18.32 27.62 1.87
N MET A 5 -19.39 26.98 1.38
CA MET A 5 -19.41 26.18 0.14
C MET A 5 -19.07 27.06 -1.07
N ARG A 6 -19.59 28.32 -1.08
CA ARG A 6 -19.38 29.32 -2.12
C ARG A 6 -17.93 29.80 -2.13
N LEU A 7 -17.37 30.17 -0.95
CA LEU A 7 -15.99 30.64 -0.79
C LEU A 7 -15.00 29.59 -1.29
N LYS A 8 -15.21 28.33 -0.88
CA LYS A 8 -14.40 27.18 -1.28
C LYS A 8 -14.43 26.98 -2.81
N SER A 9 -15.64 27.11 -3.41
CA SER A 9 -15.86 26.98 -4.86
C SER A 9 -15.12 28.06 -5.63
N ASP A 10 -15.18 29.32 -5.14
CA ASP A 10 -14.53 30.47 -5.77
C ASP A 10 -13.00 30.38 -5.67
N LEU A 11 -12.47 29.90 -4.53
CA LEU A 11 -11.03 29.80 -4.32
C LEU A 11 -10.38 28.70 -5.16
N PHE A 12 -10.91 27.46 -5.08
CA PHE A 12 -10.29 26.30 -5.71
C PHE A 12 -10.77 25.95 -7.12
N ASN A 13 -12.05 26.17 -7.47
CA ASN A 13 -12.55 25.74 -8.78
C ASN A 13 -12.48 26.82 -9.88
N ARG A 14 -12.67 28.11 -9.53
CA ARG A 14 -12.67 29.20 -10.51
C ARG A 14 -11.25 29.50 -11.05
N SER A 15 -10.33 29.90 -10.15
CA SER A 15 -8.94 30.29 -10.43
C SER A 15 -8.03 29.08 -10.83
N PRO A 16 -6.89 29.31 -11.55
CA PRO A 16 -6.02 28.16 -11.92
C PRO A 16 -5.07 27.77 -10.77
N MET A 17 -4.33 26.65 -10.99
CA MET A 17 -3.38 26.05 -10.04
C MET A 17 -2.15 26.93 -9.74
N TYR A 18 -1.78 27.02 -8.45
CA TYR A 18 -0.60 27.75 -7.99
C TYR A 18 0.67 26.96 -8.39
N PRO A 19 1.60 27.55 -9.17
CA PRO A 19 2.74 26.76 -9.66
C PRO A 19 3.98 26.68 -8.73
N GLY A 20 3.78 26.92 -7.44
CA GLY A 20 4.87 26.86 -6.46
C GLY A 20 5.76 28.09 -6.47
N PRO A 21 6.55 28.31 -5.39
CA PRO A 21 7.43 29.50 -5.35
C PRO A 21 8.51 29.54 -6.44
N THR A 22 8.97 30.77 -6.77
CA THR A 22 9.96 31.12 -7.81
C THR A 22 11.08 32.03 -7.25
N LYS A 23 12.04 32.44 -8.10
CA LYS A 23 13.15 33.34 -7.74
C LYS A 23 12.60 34.77 -7.57
N ASP A 24 11.76 35.19 -8.54
CA ASP A 24 11.13 36.51 -8.61
C ASP A 24 10.06 36.67 -7.53
N ASP A 25 9.46 35.55 -7.06
CA ASP A 25 8.39 35.56 -6.06
C ASP A 25 8.60 34.40 -5.06
N PRO A 26 9.53 34.57 -4.09
CA PRO A 26 9.81 33.47 -3.13
C PRO A 26 8.91 33.48 -1.89
N LEU A 27 9.12 32.52 -0.97
CA LEU A 27 8.36 32.45 0.29
C LEU A 27 9.22 31.85 1.43
N THR A 28 8.72 31.97 2.70
CA THR A 28 9.37 31.49 3.92
C THR A 28 8.43 30.58 4.72
N VAL A 29 8.96 29.45 5.20
CA VAL A 29 8.22 28.47 6.00
C VAL A 29 8.78 28.43 7.42
N THR A 30 7.89 28.51 8.42
CA THR A 30 8.27 28.44 9.83
C THR A 30 8.10 26.99 10.31
N LEU A 31 9.14 26.46 10.99
CA LEU A 31 9.15 25.08 11.49
C LEU A 31 9.26 25.03 13.03
N GLY A 32 8.73 23.97 13.61
CA GLY A 32 8.72 23.73 15.06
C GLY A 32 8.46 22.28 15.40
N PHE A 33 9.18 21.74 16.39
CA PHE A 33 9.05 20.33 16.77
C PHE A 33 8.56 20.12 18.21
N THR A 34 7.71 19.10 18.38
CA THR A 34 7.18 18.62 19.66
C THR A 34 7.60 17.15 19.78
N LEU A 35 8.62 16.87 20.61
CA LEU A 35 9.12 15.50 20.78
C LEU A 35 8.27 14.74 21.79
N GLN A 36 7.77 13.54 21.35
CA GLN A 36 6.87 12.69 22.13
C GLN A 36 7.55 11.46 22.73
N ASP A 37 8.45 10.77 21.98
CA ASP A 37 9.14 9.57 22.48
C ASP A 37 10.29 9.09 21.58
N ILE A 38 11.31 8.46 22.22
CA ILE A 38 12.41 7.70 21.61
C ILE A 38 11.97 6.26 21.82
N VAL A 39 11.42 5.60 20.78
CA VAL A 39 10.84 4.27 20.92
C VAL A 39 11.91 3.15 21.03
N LYS A 40 12.93 3.13 20.13
CA LYS A 40 14.01 2.11 20.22
C LYS A 40 15.33 2.56 19.59
N VAL A 41 16.45 1.95 20.04
CA VAL A 41 17.78 2.19 19.49
C VAL A 41 18.36 0.82 19.02
N ASP A 42 18.90 0.75 17.78
CA ASP A 42 19.48 -0.48 17.27
C ASP A 42 20.98 -0.33 17.12
N SER A 43 21.72 -0.86 18.10
CA SER A 43 23.18 -0.80 18.19
C SER A 43 23.89 -1.59 17.09
N SER A 44 23.20 -2.58 16.48
CA SER A 44 23.78 -3.44 15.44
C SER A 44 23.73 -2.82 14.03
N THR A 45 22.85 -1.82 13.78
CA THR A 45 22.75 -1.14 12.47
C THR A 45 22.89 0.39 12.60
N ASN A 46 22.96 0.91 13.85
CA ASN A 46 23.05 2.33 14.19
C ASN A 46 21.86 3.11 13.61
N GLU A 47 20.64 2.67 14.00
CA GLU A 47 19.36 3.25 13.60
C GLU A 47 18.55 3.63 14.85
N VAL A 48 17.93 4.81 14.86
CA VAL A 48 17.13 5.28 16.01
C VAL A 48 15.72 5.73 15.51
N ASP A 49 14.67 5.33 16.26
CA ASP A 49 13.27 5.65 15.95
C ASP A 49 12.74 6.79 16.86
N LEU A 50 12.05 7.78 16.22
CA LEU A 50 11.47 8.96 16.86
C LEU A 50 9.97 9.16 16.53
N VAL A 51 9.15 9.53 17.52
CA VAL A 51 7.72 9.81 17.37
C VAL A 51 7.52 11.26 17.80
N TYR A 52 6.93 12.09 16.92
CA TYR A 52 6.79 13.54 17.12
C TYR A 52 5.73 14.14 16.19
N TYR A 53 5.52 15.47 16.30
CA TYR A 53 4.67 16.21 15.35
C TYR A 53 5.26 17.58 15.06
N GLU A 54 5.29 17.91 13.76
CA GLU A 54 5.85 19.12 13.15
C GLU A 54 4.85 20.27 13.01
N GLN A 55 5.33 21.53 13.11
CA GLN A 55 4.51 22.71 12.90
C GLN A 55 4.95 23.37 11.61
N GLN A 56 4.01 23.57 10.67
CA GLN A 56 4.30 24.18 9.36
C GLN A 56 3.44 25.43 9.15
N ARG A 57 4.07 26.59 8.85
CA ARG A 57 3.37 27.86 8.62
C ARG A 57 3.92 28.60 7.40
N TRP A 58 3.01 29.04 6.50
CA TRP A 58 3.34 29.84 5.32
C TRP A 58 2.13 30.71 4.91
N LYS A 59 2.35 31.73 4.08
CA LYS A 59 1.29 32.63 3.63
C LYS A 59 1.32 32.80 2.11
N LEU A 60 0.13 32.82 1.46
CA LEU A 60 -0.01 33.02 0.01
C LEU A 60 -1.05 34.09 -0.28
N ASN A 61 -0.79 34.94 -1.29
CA ASN A 61 -1.72 36.01 -1.67
C ASN A 61 -2.92 35.45 -2.44
N SER A 62 -2.71 34.32 -3.11
CA SER A 62 -3.72 33.61 -3.89
C SER A 62 -4.80 32.95 -2.98
N LEU A 63 -4.59 32.94 -1.65
CA LEU A 63 -5.51 32.32 -0.70
C LEU A 63 -6.25 33.30 0.21
N MET A 64 -6.07 34.63 0.04
CA MET A 64 -6.77 35.58 0.92
C MET A 64 -8.13 36.03 0.36
N TRP A 65 -9.04 36.49 1.25
CA TRP A 65 -10.39 36.96 0.90
C TRP A 65 -10.93 38.03 1.91
N ASP A 66 -12.03 38.71 1.53
CA ASP A 66 -12.70 39.69 2.38
C ASP A 66 -13.81 38.96 3.16
N PRO A 67 -13.71 38.88 4.51
CA PRO A 67 -14.74 38.14 5.27
C PRO A 67 -16.15 38.72 5.13
N ASN A 68 -16.25 40.05 4.99
CA ASN A 68 -17.51 40.78 4.84
C ASN A 68 -18.32 40.29 3.62
N GLU A 69 -17.64 39.96 2.51
CA GLU A 69 -18.29 39.50 1.29
C GLU A 69 -18.78 38.04 1.38
N TYR A 70 -18.26 37.26 2.34
CA TYR A 70 -18.65 35.85 2.48
C TYR A 70 -19.26 35.56 3.87
N GLY A 71 -20.18 36.42 4.30
CA GLY A 71 -20.89 36.27 5.56
C GLY A 71 -20.04 36.18 6.82
N ASN A 72 -19.03 37.07 6.94
CA ASN A 72 -18.10 37.22 8.05
C ASN A 72 -17.40 35.89 8.45
N ILE A 73 -16.77 35.23 7.47
CA ILE A 73 -15.99 33.99 7.67
C ILE A 73 -14.52 34.38 7.72
N THR A 74 -13.85 34.08 8.85
CA THR A 74 -12.43 34.42 9.04
C THR A 74 -11.49 33.27 8.68
N ASP A 75 -11.90 32.00 8.90
CA ASP A 75 -11.07 30.82 8.62
C ASP A 75 -11.90 29.55 8.37
N PHE A 76 -11.23 28.46 7.89
CA PHE A 76 -11.84 27.15 7.63
C PHE A 76 -10.78 26.03 7.55
N ARG A 77 -11.22 24.78 7.79
CA ARG A 77 -10.41 23.57 7.71
C ARG A 77 -10.59 22.96 6.31
N THR A 78 -9.51 22.43 5.72
CA THR A 78 -9.54 21.81 4.38
C THR A 78 -8.48 20.71 4.26
N SER A 79 -8.76 19.69 3.41
CA SER A 79 -7.85 18.59 3.16
C SER A 79 -6.60 19.14 2.52
N ALA A 80 -5.42 18.64 2.97
CA ALA A 80 -4.11 19.06 2.47
C ALA A 80 -3.95 18.77 0.96
N ALA A 81 -4.85 17.93 0.41
CA ALA A 81 -4.89 17.57 -1.00
C ALA A 81 -5.35 18.74 -1.86
N ASP A 82 -6.16 19.65 -1.30
CA ASP A 82 -6.73 20.80 -1.99
C ASP A 82 -5.76 21.97 -2.13
N ILE A 83 -4.72 22.04 -1.28
CA ILE A 83 -3.77 23.16 -1.29
C ILE A 83 -2.31 22.75 -1.56
N TRP A 84 -1.44 23.72 -1.92
CA TRP A 84 0.00 23.50 -2.14
C TRP A 84 0.67 23.32 -0.78
N THR A 85 1.63 22.39 -0.69
CA THR A 85 2.36 22.13 0.56
C THR A 85 3.89 22.04 0.30
N PRO A 86 4.73 22.53 1.26
CA PRO A 86 6.19 22.44 1.06
C PRO A 86 6.72 21.00 1.19
N ASP A 87 7.81 20.65 0.45
CA ASP A 87 8.41 19.30 0.41
C ASP A 87 9.55 19.10 1.45
N ILE A 88 9.26 19.37 2.73
CA ILE A 88 10.22 19.25 3.83
C ILE A 88 10.53 17.75 4.04
N THR A 89 11.82 17.37 3.91
CA THR A 89 12.30 15.99 4.05
C THR A 89 13.47 15.87 5.07
N ALA A 90 13.77 14.63 5.52
CA ALA A 90 14.87 14.33 6.43
C ALA A 90 16.04 13.74 5.64
N TYR A 91 17.23 14.33 5.76
CA TYR A 91 18.41 13.92 4.99
C TYR A 91 18.94 12.50 5.34
N SER A 92 19.02 12.12 6.63
CA SER A 92 19.61 10.85 7.06
C SER A 92 18.59 9.73 7.37
N SER A 93 17.37 9.73 6.76
CA SER A 93 16.39 8.65 7.01
C SER A 93 16.84 7.30 6.40
N THR A 94 16.41 6.17 6.98
CA THR A 94 16.80 4.84 6.48
C THR A 94 15.59 4.03 6.01
N ARG A 95 14.35 4.47 6.36
CA ARG A 95 13.08 3.85 5.97
C ARG A 95 12.02 4.93 5.69
N PRO A 96 11.03 4.71 4.80
CA PRO A 96 10.04 5.78 4.51
C PRO A 96 9.25 6.20 5.75
N VAL A 97 9.07 7.53 5.96
CA VAL A 97 8.35 8.06 7.13
C VAL A 97 6.90 7.56 7.15
N GLN A 98 6.42 7.17 8.35
CA GLN A 98 5.06 6.70 8.60
C GLN A 98 4.21 7.86 9.12
N VAL A 99 3.01 8.10 8.53
CA VAL A 99 2.10 9.18 8.96
C VAL A 99 1.19 8.63 10.07
N LEU A 100 1.00 9.41 11.14
CA LEU A 100 0.19 8.98 12.28
C LEU A 100 -1.00 9.93 12.60
N SER A 101 -1.31 10.91 11.73
CA SER A 101 -2.41 11.88 11.93
C SER A 101 -3.15 12.20 10.62
N PRO A 102 -4.43 12.69 10.69
CA PRO A 102 -5.12 13.11 9.45
C PRO A 102 -4.43 14.30 8.75
N GLN A 103 -4.55 14.35 7.40
CA GLN A 103 -3.92 15.38 6.54
C GLN A 103 -4.89 16.53 6.25
N ILE A 104 -5.20 17.31 7.28
CA ILE A 104 -6.09 18.48 7.20
C ILE A 104 -5.31 19.73 7.67
N ALA A 105 -5.48 20.87 6.98
CA ALA A 105 -4.85 22.13 7.31
C ALA A 105 -5.91 23.23 7.51
N VAL A 106 -5.53 24.37 8.15
CA VAL A 106 -6.45 25.48 8.42
C VAL A 106 -5.99 26.73 7.63
N VAL A 107 -6.96 27.39 6.95
CA VAL A 107 -6.71 28.58 6.12
C VAL A 107 -7.45 29.80 6.70
N THR A 108 -6.73 30.93 6.93
CA THR A 108 -7.31 32.18 7.43
C THR A 108 -7.45 33.21 6.28
N HIS A 109 -8.35 34.20 6.44
CA HIS A 109 -8.71 35.21 5.44
C HIS A 109 -7.55 36.07 4.95
N ASP A 110 -6.39 36.09 5.66
CA ASP A 110 -5.24 36.88 5.23
C ASP A 110 -4.31 36.08 4.30
N GLY A 111 -4.58 34.78 4.15
CA GLY A 111 -3.82 33.89 3.29
C GLY A 111 -2.84 32.99 4.01
N SER A 112 -2.85 33.00 5.37
CA SER A 112 -1.97 32.16 6.21
C SER A 112 -2.46 30.71 6.26
N VAL A 113 -1.50 29.76 6.19
CA VAL A 113 -1.79 28.32 6.27
C VAL A 113 -1.02 27.70 7.44
N MET A 114 -1.70 26.81 8.19
CA MET A 114 -1.14 26.07 9.31
C MET A 114 -1.41 24.58 9.11
N PHE A 115 -0.34 23.76 9.13
CA PHE A 115 -0.42 22.31 8.96
C PHE A 115 0.44 21.60 10.03
N ILE A 116 -0.18 20.67 10.81
CA ILE A 116 0.49 19.97 11.92
C ILE A 116 0.50 18.42 11.69
N PRO A 117 1.51 17.89 10.94
CA PRO A 117 1.54 16.43 10.71
C PRO A 117 2.31 15.62 11.78
N ALA A 118 1.71 14.51 12.29
CA ALA A 118 2.31 13.61 13.28
C ALA A 118 2.95 12.43 12.57
N GLN A 119 4.18 12.05 12.97
CA GLN A 119 4.89 10.96 12.28
C GLN A 119 5.96 10.21 13.11
N ARG A 120 6.36 9.01 12.59
CA ARG A 120 7.41 8.11 13.10
C ARG A 120 8.56 8.10 12.09
N LEU A 121 9.81 8.31 12.58
CA LEU A 121 11.00 8.39 11.71
C LEU A 121 12.18 7.53 12.22
N SER A 122 12.87 6.82 11.26
CA SER A 122 14.07 6.01 11.49
C SER A 122 15.25 6.64 10.79
N PHE A 123 16.31 7.02 11.55
CA PHE A 123 17.46 7.69 10.98
C PHE A 123 18.81 7.17 11.54
N MET A 124 19.92 7.53 10.85
CA MET A 124 21.30 7.17 11.18
C MET A 124 21.75 7.88 12.47
N CYS A 125 22.21 7.08 13.47
CA CYS A 125 22.65 7.55 14.80
C CYS A 125 23.38 6.41 15.56
N ASP A 126 24.63 6.65 16.00
CA ASP A 126 25.40 5.67 16.79
C ASP A 126 25.03 5.82 18.28
N PRO A 127 24.48 4.77 18.92
CA PRO A 127 24.02 4.92 20.31
C PRO A 127 25.05 4.56 21.38
N THR A 128 26.33 4.37 21.01
CA THR A 128 27.41 3.99 21.93
C THR A 128 27.53 5.00 23.07
N GLY A 129 27.33 4.52 24.30
CA GLY A 129 27.42 5.30 25.51
C GLY A 129 26.10 5.82 26.04
N VAL A 130 24.97 5.22 25.60
CA VAL A 130 23.63 5.61 26.08
C VAL A 130 23.44 5.12 27.52
N ASP A 131 24.15 4.02 27.87
CA ASP A 131 24.15 3.37 29.18
C ASP A 131 24.99 4.15 30.22
N SER A 132 25.75 5.18 29.79
CA SER A 132 26.57 6.00 30.67
C SER A 132 25.74 7.12 31.31
N GLU A 133 26.32 7.80 32.34
CA GLU A 133 25.66 8.90 33.05
C GLU A 133 25.67 10.16 32.18
N GLU A 134 26.73 10.35 31.36
CA GLU A 134 26.89 11.50 30.47
C GLU A 134 25.93 11.44 29.25
N GLY A 135 25.61 10.23 28.79
CA GLY A 135 24.71 9.99 27.67
C GLY A 135 25.35 10.16 26.31
N VAL A 136 24.53 9.99 25.23
CA VAL A 136 24.94 10.10 23.83
C VAL A 136 24.10 11.20 23.09
N THR A 137 24.70 11.85 22.07
CA THR A 137 24.07 12.91 21.29
C THR A 137 23.97 12.52 19.82
N CYS A 138 22.83 12.85 19.16
CA CYS A 138 22.57 12.58 17.75
C CYS A 138 21.85 13.75 17.09
N ALA A 139 21.89 13.83 15.75
CA ALA A 139 21.26 14.93 15.00
C ALA A 139 20.70 14.47 13.66
N VAL A 140 19.71 15.25 13.11
CA VAL A 140 19.04 15.00 11.83
C VAL A 140 18.56 16.36 11.23
N LYS A 141 18.81 16.58 9.91
CA LYS A 141 18.48 17.82 9.18
C LYS A 141 17.21 17.70 8.35
N PHE A 142 16.36 18.75 8.44
CA PHE A 142 15.08 18.85 7.72
C PHE A 142 15.09 20.07 6.79
N GLY A 143 14.53 19.92 5.59
CA GLY A 143 14.46 20.97 4.60
C GLY A 143 13.87 20.54 3.26
N SER A 144 13.68 21.50 2.32
CA SER A 144 13.16 21.24 0.98
C SER A 144 14.17 20.45 0.16
N TRP A 145 13.73 19.34 -0.43
CA TRP A 145 14.58 18.50 -1.25
C TRP A 145 14.97 19.21 -2.58
N VAL A 146 13.99 19.82 -3.29
CA VAL A 146 14.17 20.41 -4.63
C VAL A 146 14.38 21.94 -4.70
N TYR A 147 13.78 22.75 -3.82
CA TYR A 147 13.93 24.23 -3.90
C TYR A 147 15.16 24.76 -3.16
N SER A 148 15.86 25.75 -3.75
CA SER A 148 17.07 26.32 -3.15
C SER A 148 16.71 27.38 -2.10
N GLY A 149 17.66 28.27 -1.82
CA GLY A 149 17.48 29.36 -0.88
C GLY A 149 16.77 30.55 -1.49
N PHE A 150 16.86 30.69 -2.83
CA PHE A 150 16.28 31.81 -3.60
C PHE A 150 14.79 31.60 -3.90
N GLU A 151 14.21 30.48 -3.42
CA GLU A 151 12.79 30.17 -3.60
C GLU A 151 12.14 29.91 -2.24
N ILE A 152 12.79 29.10 -1.39
CA ILE A 152 12.24 28.82 -0.05
C ILE A 152 13.29 29.11 1.01
N ASP A 153 12.86 29.87 2.05
CA ASP A 153 13.66 30.17 3.23
C ASP A 153 12.97 29.54 4.44
N LEU A 154 13.73 29.28 5.52
CA LEU A 154 13.17 28.67 6.72
C LEU A 154 13.40 29.56 7.95
N LYS A 155 12.54 29.41 8.96
CA LYS A 155 12.54 30.20 10.21
C LYS A 155 12.07 29.34 11.39
N THR A 156 12.55 29.64 12.62
CA THR A 156 12.13 28.98 13.87
C THR A 156 11.79 30.05 14.90
N ASP A 157 10.63 29.93 15.57
CA ASP A 157 10.20 30.90 16.58
C ASP A 157 11.08 30.84 17.85
N THR A 158 11.58 29.63 18.19
CA THR A 158 12.47 29.36 19.33
C THR A 158 13.48 28.27 18.95
N ASP A 159 14.53 28.13 19.75
CA ASP A 159 15.58 27.14 19.54
C ASP A 159 15.41 25.98 20.51
N GLN A 160 14.38 26.07 21.39
CA GLN A 160 14.09 25.05 22.38
C GLN A 160 12.91 24.20 21.97
N VAL A 161 13.19 22.92 21.61
CA VAL A 161 12.25 21.90 21.16
C VAL A 161 11.20 21.68 22.26
N ASP A 162 9.89 21.60 21.88
CA ASP A 162 8.80 21.42 22.84
C ASP A 162 8.83 20.02 23.47
N LEU A 163 9.13 19.95 24.79
CA LEU A 163 9.21 18.68 25.51
C LEU A 163 8.07 18.52 26.52
N SER A 164 7.05 19.40 26.46
CA SER A 164 5.90 19.38 27.36
C SER A 164 4.99 18.15 27.15
N SER A 165 5.19 17.40 26.05
CA SER A 165 4.39 16.22 25.73
C SER A 165 5.26 14.94 25.62
N TYR A 166 6.50 14.96 26.16
CA TYR A 166 7.37 13.78 26.13
C TYR A 166 6.86 12.71 27.12
N TYR A 167 6.83 11.43 26.66
CA TYR A 167 6.35 10.26 27.40
C TYR A 167 7.17 10.04 28.67
N ALA A 168 6.47 10.19 29.81
CA ALA A 168 6.96 10.08 31.18
C ALA A 168 7.68 8.75 31.50
N SER A 169 7.14 7.61 31.03
CA SER A 169 7.73 6.31 31.33
C SER A 169 8.55 5.75 30.15
N SER A 170 9.15 6.64 29.31
CA SER A 170 10.02 6.22 28.20
C SER A 170 11.29 5.57 28.76
N LYS A 171 11.88 4.62 28.01
CA LYS A 171 13.12 3.94 28.44
C LYS A 171 14.33 4.89 28.40
N TYR A 172 14.16 6.11 27.81
CA TYR A 172 15.23 7.09 27.64
C TYR A 172 14.83 8.50 28.11
N GLU A 173 15.72 9.13 28.93
CA GLU A 173 15.65 10.49 29.49
C GLU A 173 16.22 11.55 28.51
N ILE A 174 15.52 12.70 28.33
CA ILE A 174 16.02 13.77 27.45
C ILE A 174 16.91 14.74 28.26
N LEU A 175 18.16 14.95 27.81
CA LEU A 175 19.10 15.85 28.48
C LEU A 175 18.98 17.25 27.88
N SER A 176 18.98 17.35 26.54
CA SER A 176 18.81 18.62 25.80
C SER A 176 18.25 18.35 24.39
N ALA A 177 17.45 19.30 23.86
CA ALA A 177 16.85 19.23 22.53
C ALA A 177 16.72 20.65 21.93
N THR A 178 17.37 20.85 20.76
CA THR A 178 17.43 22.15 20.07
C THR A 178 17.06 22.09 18.61
N GLN A 179 16.57 23.23 18.09
CA GLN A 179 16.20 23.43 16.69
C GLN A 179 16.89 24.69 16.16
N THR A 180 17.92 24.48 15.35
CA THR A 180 18.72 25.57 14.80
C THR A 180 18.69 25.61 13.26
N ARG A 181 18.66 26.83 12.69
CA ARG A 181 18.65 27.03 11.23
C ARG A 181 20.08 26.95 10.68
N GLN A 182 20.25 26.37 9.46
CA GLN A 182 21.56 26.25 8.79
C GLN A 182 21.49 26.65 7.30
N VAL A 183 22.66 26.99 6.71
CA VAL A 183 22.83 27.31 5.27
C VAL A 183 23.93 26.40 4.75
N GLN A 184 23.59 25.55 3.79
CA GLN A 184 24.50 24.56 3.22
C GLN A 184 24.94 24.90 1.79
N HIS A 185 26.15 24.43 1.43
CA HIS A 185 26.69 24.48 0.07
C HIS A 185 27.12 23.07 -0.27
N TYR A 186 26.58 22.54 -1.37
CA TYR A 186 26.85 21.18 -1.83
C TYR A 186 27.76 21.24 -3.03
N SER A 187 28.64 20.23 -3.18
CA SER A 187 29.64 20.13 -4.26
C SER A 187 28.99 20.20 -5.67
N CYS A 188 27.87 19.46 -5.86
CA CYS A 188 27.06 19.31 -7.07
C CYS A 188 26.56 20.61 -7.65
N CYS A 189 26.11 21.49 -6.75
CA CYS A 189 25.25 22.59 -7.09
C CYS A 189 25.74 23.96 -6.60
N PRO A 190 25.68 24.98 -7.49
CA PRO A 190 26.21 26.31 -7.15
C PRO A 190 25.33 27.20 -6.24
N GLU A 191 24.12 26.77 -5.89
CA GLU A 191 23.24 27.60 -5.05
C GLU A 191 23.27 27.15 -3.58
N PRO A 192 22.96 28.08 -2.61
CA PRO A 192 22.87 27.67 -1.20
C PRO A 192 21.52 27.01 -0.86
N TYR A 193 21.52 26.05 0.08
CA TYR A 193 20.31 25.33 0.48
C TYR A 193 20.11 25.43 1.99
N ILE A 194 18.90 25.81 2.44
CA ILE A 194 18.59 26.01 3.86
C ILE A 194 17.95 24.77 4.50
N ASP A 195 18.24 24.56 5.80
CA ASP A 195 17.74 23.47 6.63
C ASP A 195 17.63 23.88 8.11
N VAL A 196 16.93 23.04 8.89
CA VAL A 196 16.80 23.18 10.33
C VAL A 196 17.32 21.87 10.94
N ASN A 197 18.45 21.96 11.67
CA ASN A 197 19.11 20.83 12.31
C ASN A 197 18.56 20.59 13.73
N LEU A 198 17.97 19.39 13.93
CA LEU A 198 17.40 18.88 15.18
C LEU A 198 18.48 18.04 15.92
N VAL A 199 18.97 18.55 17.08
CA VAL A 199 20.03 17.91 17.89
C VAL A 199 19.46 17.52 19.26
N VAL A 200 19.52 16.20 19.58
CA VAL A 200 18.99 15.63 20.83
C VAL A 200 20.09 14.88 21.61
N LYS A 201 20.23 15.18 22.93
CA LYS A 201 21.14 14.51 23.87
C LYS A 201 20.28 13.74 24.88
N PHE A 202 20.50 12.42 24.99
CA PHE A 202 19.69 11.51 25.82
C PHE A 202 20.53 10.40 26.48
N ARG A 203 19.89 9.60 27.39
CA ARG A 203 20.49 8.47 28.11
C ARG A 203 19.39 7.52 28.65
N GLU A 204 19.78 6.32 29.12
CA GLU A 204 18.84 5.34 29.69
C GLU A 204 18.32 5.85 31.06
N ARG A 205 17.02 5.63 31.36
CA ARG A 205 16.36 6.08 32.60
C ARG A 205 16.98 5.46 33.85
N GLN B 1 2.63 35.50 -11.40
CA GLN B 1 2.63 34.03 -11.48
C GLN B 1 1.88 33.57 -12.73
N ALA B 2 1.14 34.51 -13.36
CA ALA B 2 0.30 34.34 -14.56
C ALA B 2 1.07 33.76 -15.74
N ASN B 3 2.35 34.18 -15.93
CA ASN B 3 3.20 33.72 -17.02
C ASN B 3 3.56 32.25 -16.84
N LEU B 4 4.00 31.84 -15.64
CA LEU B 4 4.37 30.45 -15.36
C LEU B 4 3.16 29.52 -15.50
N MET B 5 1.98 29.97 -15.02
CA MET B 5 0.71 29.24 -15.12
C MET B 5 0.31 29.01 -16.58
N ARG B 6 0.56 30.03 -17.43
CA ARG B 6 0.29 30.03 -18.88
C ARG B 6 1.21 29.04 -19.61
N LEU B 7 2.54 29.11 -19.35
CA LEU B 7 3.56 28.24 -19.94
C LEU B 7 3.24 26.78 -19.66
N LYS B 8 2.92 26.47 -18.39
CA LYS B 8 2.56 25.13 -17.92
C LYS B 8 1.30 24.62 -18.64
N SER B 9 0.28 25.50 -18.80
CA SER B 9 -0.97 25.19 -19.49
C SER B 9 -0.74 24.86 -20.97
N ASP B 10 0.12 25.65 -21.65
CA ASP B 10 0.44 25.48 -23.06
C ASP B 10 1.25 24.20 -23.32
N LEU B 11 2.17 23.86 -22.41
CA LEU B 11 3.02 22.67 -22.54
C LEU B 11 2.26 21.36 -22.32
N PHE B 12 1.54 21.25 -21.20
CA PHE B 12 0.89 19.99 -20.81
C PHE B 12 -0.58 19.82 -21.25
N ASN B 13 -1.38 20.90 -21.32
CA ASN B 13 -2.81 20.74 -21.64
C ASN B 13 -3.15 20.86 -23.12
N ARG B 14 -2.44 21.72 -23.87
CA ARG B 14 -2.73 21.95 -25.31
C ARG B 14 -2.31 20.75 -26.19
N SER B 15 -1.00 20.41 -26.18
CA SER B 15 -0.38 19.32 -26.95
C SER B 15 -0.77 17.90 -26.45
N PRO B 16 -0.69 16.82 -27.30
CA PRO B 16 -1.05 15.46 -26.82
C PRO B 16 0.13 14.77 -26.09
N MET B 17 -0.15 13.55 -25.56
CA MET B 17 0.77 12.71 -24.78
C MET B 17 2.01 12.23 -25.55
N TYR B 18 3.20 12.32 -24.91
CA TYR B 18 4.47 11.87 -25.47
C TYR B 18 4.51 10.34 -25.40
N PRO B 19 4.64 9.61 -26.54
CA PRO B 19 4.57 8.14 -26.49
C PRO B 19 5.90 7.40 -26.21
N GLY B 20 6.88 8.07 -25.61
CA GLY B 20 8.16 7.44 -25.31
C GLY B 20 9.11 7.37 -26.49
N PRO B 21 10.43 7.21 -26.27
CA PRO B 21 11.37 7.18 -27.39
C PRO B 21 11.15 6.00 -28.35
N THR B 22 11.61 6.15 -29.59
CA THR B 22 11.54 5.18 -30.69
C THR B 22 12.90 5.06 -31.38
N LYS B 23 13.03 4.16 -32.38
CA LYS B 23 14.26 4.01 -33.14
C LYS B 23 14.49 5.25 -34.01
N ASP B 24 13.39 5.94 -34.42
CA ASP B 24 13.42 7.15 -35.25
C ASP B 24 13.64 8.40 -34.41
N ASP B 25 13.27 8.33 -33.12
CA ASP B 25 13.42 9.45 -32.19
C ASP B 25 14.03 8.93 -30.87
N PRO B 26 15.33 8.53 -30.89
CA PRO B 26 15.92 7.98 -29.66
C PRO B 26 16.53 9.04 -28.76
N LEU B 27 16.81 8.68 -27.48
CA LEU B 27 17.44 9.61 -26.54
C LEU B 27 18.50 8.90 -25.65
N THR B 28 19.30 9.70 -24.92
CA THR B 28 20.35 9.24 -24.01
C THR B 28 20.10 9.79 -22.61
N VAL B 29 20.30 8.93 -21.59
CA VAL B 29 20.11 9.28 -20.18
C VAL B 29 21.46 9.23 -19.46
N THR B 30 21.80 10.29 -18.71
CA THR B 30 23.02 10.37 -17.93
C THR B 30 22.72 9.95 -16.50
N LEU B 31 23.55 9.05 -15.95
CA LEU B 31 23.39 8.50 -14.60
C LEU B 31 24.58 8.86 -13.69
N GLY B 32 24.31 8.93 -12.38
CA GLY B 32 25.29 9.26 -11.34
C GLY B 32 24.84 8.87 -9.96
N PHE B 33 25.76 8.33 -9.14
CA PHE B 33 25.44 7.86 -7.79
C PHE B 33 26.18 8.56 -6.65
N THR B 34 25.44 8.79 -5.56
CA THR B 34 25.91 9.35 -4.30
C THR B 34 25.59 8.32 -3.21
N LEU B 35 26.62 7.59 -2.73
CA LEU B 35 26.45 6.57 -1.71
C LEU B 35 26.42 7.21 -0.31
N GLN B 36 25.35 6.90 0.47
CA GLN B 36 25.10 7.44 1.79
C GLN B 36 25.40 6.45 2.94
N ASP B 37 25.02 5.15 2.80
CA ASP B 37 25.24 4.14 3.87
C ASP B 37 24.96 2.69 3.42
N ILE B 38 25.70 1.74 4.06
CA ILE B 38 25.51 0.29 4.01
C ILE B 38 24.84 -0.01 5.34
N VAL B 39 23.51 -0.18 5.37
CA VAL B 39 22.77 -0.33 6.62
C VAL B 39 22.95 -1.74 7.26
N LYS B 40 22.83 -2.85 6.49
CA LYS B 40 23.02 -4.19 7.05
C LYS B 40 23.43 -5.25 6.01
N VAL B 41 24.11 -6.33 6.45
CA VAL B 41 24.50 -7.47 5.59
C VAL B 41 23.91 -8.75 6.20
N ASP B 42 23.26 -9.60 5.39
CA ASP B 42 22.67 -10.84 5.88
C ASP B 42 23.44 -12.03 5.30
N SER B 43 24.33 -12.60 6.10
CA SER B 43 25.20 -13.71 5.75
C SER B 43 24.44 -15.02 5.51
N SER B 44 23.23 -15.16 6.06
CA SER B 44 22.43 -16.37 5.93
C SER B 44 21.61 -16.44 4.62
N THR B 45 21.36 -15.29 3.95
CA THR B 45 20.61 -15.25 2.69
C THR B 45 21.39 -14.55 1.56
N ASN B 46 22.57 -13.97 1.89
CA ASN B 46 23.46 -13.22 0.99
C ASN B 46 22.70 -12.04 0.35
N GLU B 47 22.17 -11.16 1.23
CA GLU B 47 21.42 -9.95 0.87
C GLU B 47 22.06 -8.74 1.55
N VAL B 48 22.22 -7.62 0.81
CA VAL B 48 22.82 -6.39 1.35
C VAL B 48 21.90 -5.19 1.07
N ASP B 49 21.74 -4.30 2.07
CA ASP B 49 20.91 -3.10 2.00
C ASP B 49 21.75 -1.83 1.79
N LEU B 50 21.36 -0.99 0.80
CA LEU B 50 22.00 0.31 0.45
C LEU B 50 21.04 1.48 0.54
N VAL B 51 21.56 2.65 0.94
CA VAL B 51 20.82 3.91 0.99
C VAL B 51 21.64 4.92 0.18
N TYR B 52 21.02 5.53 -0.84
CA TYR B 52 21.69 6.42 -1.80
C TYR B 52 20.68 7.30 -2.57
N TYR B 53 21.20 8.16 -3.47
CA TYR B 53 20.36 8.93 -4.37
C TYR B 53 21.02 9.03 -5.74
N GLU B 54 20.19 8.80 -6.76
CA GLU B 54 20.50 8.75 -8.20
C GLU B 54 20.32 10.10 -8.92
N GLN B 55 21.15 10.34 -9.96
CA GLN B 55 21.06 11.53 -10.80
C GLN B 55 20.57 11.09 -12.17
N GLN B 56 19.45 11.68 -12.63
CA GLN B 56 18.87 11.36 -13.94
C GLN B 56 18.77 12.63 -14.80
N ARG B 57 19.34 12.59 -16.03
CA ARG B 57 19.33 13.71 -16.98
C ARG B 57 18.99 13.27 -18.39
N TRP B 58 18.01 13.94 -19.04
CA TRP B 58 17.60 13.69 -20.43
C TRP B 58 17.04 14.96 -21.05
N LYS B 59 16.92 15.01 -22.39
CA LYS B 59 16.41 16.18 -23.09
C LYS B 59 15.32 15.79 -24.11
N LEU B 60 14.25 16.59 -24.19
CA LEU B 60 13.14 16.39 -25.13
C LEU B 60 12.83 17.67 -25.88
N ASN B 61 12.53 17.56 -27.19
CA ASN B 61 12.20 18.72 -28.03
C ASN B 61 10.79 19.21 -27.72
N SER B 62 9.93 18.31 -27.25
CA SER B 62 8.54 18.59 -26.89
C SER B 62 8.44 19.45 -25.62
N LEU B 63 9.57 19.67 -24.90
CA LEU B 63 9.59 20.41 -23.64
C LEU B 63 10.33 21.76 -23.71
N MET B 64 10.81 22.18 -24.89
CA MET B 64 11.54 23.46 -24.96
C MET B 64 10.60 24.65 -25.32
N TRP B 65 11.03 25.87 -24.95
CA TRP B 65 10.28 27.11 -25.19
C TRP B 65 11.21 28.35 -25.32
N ASP B 66 10.64 29.48 -25.80
CA ASP B 66 11.36 30.75 -25.91
C ASP B 66 11.10 31.55 -24.64
N PRO B 67 12.13 31.83 -23.80
CA PRO B 67 11.90 32.56 -22.54
C PRO B 67 11.31 33.95 -22.74
N ASN B 68 11.72 34.62 -23.83
CA ASN B 68 11.27 35.97 -24.19
C ASN B 68 9.73 36.05 -24.31
N GLU B 69 9.09 35.00 -24.87
CA GLU B 69 7.65 34.96 -25.07
C GLU B 69 6.86 34.69 -23.79
N TYR B 70 7.53 34.18 -22.73
CA TYR B 70 6.86 33.87 -21.47
C TYR B 70 7.49 34.66 -20.29
N GLY B 71 7.70 35.96 -20.48
CA GLY B 71 8.24 36.85 -19.47
C GLY B 71 9.58 36.48 -18.87
N ASN B 72 10.55 36.09 -19.73
CA ASN B 72 11.93 35.72 -19.41
C ASN B 72 12.03 34.62 -18.31
N ILE B 73 11.32 33.49 -18.52
CA ILE B 73 11.36 32.33 -17.62
C ILE B 73 12.31 31.30 -18.24
N THR B 74 13.36 30.93 -17.51
CA THR B 74 14.37 29.98 -17.98
C THR B 74 14.10 28.54 -17.52
N ASP B 75 13.53 28.35 -16.31
CA ASP B 75 13.25 27.02 -15.75
C ASP B 75 12.11 27.02 -14.71
N PHE B 76 11.64 25.81 -14.31
CA PHE B 76 10.58 25.61 -13.31
C PHE B 76 10.60 24.18 -12.74
N ARG B 77 10.04 24.02 -11.52
CA ARG B 77 9.89 22.73 -10.81
C ARG B 77 8.50 22.16 -11.12
N THR B 78 8.39 20.84 -11.32
CA THR B 78 7.11 20.18 -11.61
C THR B 78 7.11 18.75 -11.08
N SER B 79 5.91 18.25 -10.72
CA SER B 79 5.75 16.89 -10.22
C SER B 79 6.11 15.92 -11.32
N ALA B 80 6.84 14.84 -10.96
CA ALA B 80 7.30 13.81 -11.89
C ALA B 80 6.12 13.11 -12.57
N ALA B 81 4.91 13.28 -12.01
CA ALA B 81 3.67 12.72 -12.52
C ALA B 81 3.24 13.39 -13.82
N ASP B 82 3.63 14.66 -14.01
CA ASP B 82 3.26 15.48 -15.17
C ASP B 82 4.10 15.18 -16.41
N ILE B 83 5.31 14.58 -16.24
CA ILE B 83 6.23 14.35 -17.35
C ILE B 83 6.61 12.87 -17.54
N TRP B 84 7.17 12.51 -18.72
CA TRP B 84 7.67 11.16 -19.03
C TRP B 84 8.98 10.93 -18.27
N THR B 85 9.16 9.73 -17.72
CA THR B 85 10.38 9.38 -16.98
C THR B 85 10.95 8.01 -17.42
N PRO B 86 12.31 7.84 -17.46
CA PRO B 86 12.88 6.54 -17.85
C PRO B 86 12.65 5.45 -16.80
N ASP B 87 12.50 4.19 -17.26
CA ASP B 87 12.23 3.03 -16.43
C ASP B 87 13.54 2.35 -15.96
N ILE B 88 14.45 3.13 -15.34
CA ILE B 88 15.75 2.63 -14.84
C ILE B 88 15.53 1.66 -13.65
N THR B 89 15.92 0.36 -13.82
CA THR B 89 15.73 -0.80 -12.92
C THR B 89 17.04 -1.51 -12.48
N ALA B 90 17.08 -2.09 -11.25
CA ALA B 90 18.23 -2.88 -10.76
C ALA B 90 17.99 -4.36 -11.10
N TYR B 91 18.95 -5.01 -11.77
CA TYR B 91 18.81 -6.40 -12.22
C TYR B 91 18.80 -7.45 -11.07
N SER B 92 19.68 -7.29 -10.03
CA SER B 92 19.80 -8.26 -8.94
C SER B 92 19.04 -7.90 -7.61
N SER B 93 17.93 -7.11 -7.66
CA SER B 93 17.17 -6.78 -6.45
C SER B 93 16.42 -8.01 -5.90
N THR B 94 16.15 -8.05 -4.58
CA THR B 94 15.45 -9.19 -3.96
C THR B 94 14.13 -8.76 -3.30
N ARG B 95 13.88 -7.44 -3.17
CA ARG B 95 12.67 -6.86 -2.59
C ARG B 95 12.33 -5.54 -3.33
N PRO B 96 11.04 -5.10 -3.39
CA PRO B 96 10.73 -3.83 -4.08
C PRO B 96 11.44 -2.60 -3.45
N VAL B 97 12.03 -1.73 -4.29
CA VAL B 97 12.77 -0.55 -3.84
C VAL B 97 11.82 0.42 -3.11
N GLN B 98 12.30 0.98 -1.97
CA GLN B 98 11.59 1.95 -1.13
C GLN B 98 12.03 3.37 -1.50
N VAL B 99 11.07 4.30 -1.75
CA VAL B 99 11.36 5.70 -2.10
C VAL B 99 11.49 6.49 -0.80
N LEU B 100 12.52 7.36 -0.70
CA LEU B 100 12.77 8.13 0.51
C LEU B 100 12.78 9.67 0.29
N SER B 101 12.39 10.16 -0.92
CA SER B 101 12.38 11.60 -1.24
C SER B 101 11.17 12.01 -2.09
N PRO B 102 10.73 13.32 -2.07
CA PRO B 102 9.64 13.76 -2.96
C PRO B 102 9.94 13.59 -4.47
N GLN B 103 8.88 13.34 -5.26
CA GLN B 103 8.97 13.07 -6.70
C GLN B 103 8.73 14.36 -7.52
N ILE B 104 9.70 15.29 -7.47
CA ILE B 104 9.65 16.55 -8.21
C ILE B 104 10.90 16.63 -9.09
N ALA B 105 10.75 17.14 -10.33
CA ALA B 105 11.84 17.32 -11.29
C ALA B 105 11.90 18.80 -11.75
N VAL B 106 13.04 19.22 -12.34
CA VAL B 106 13.24 20.60 -12.84
C VAL B 106 13.38 20.59 -14.36
N VAL B 107 12.64 21.50 -15.04
CA VAL B 107 12.64 21.61 -16.52
C VAL B 107 13.20 22.96 -16.95
N THR B 108 14.21 22.97 -17.86
CA THR B 108 14.81 24.20 -18.42
C THR B 108 14.29 24.46 -19.85
N HIS B 109 14.38 25.74 -20.30
CA HIS B 109 13.85 26.22 -21.58
C HIS B 109 14.43 25.53 -22.82
N ASP B 110 15.55 24.79 -22.69
CA ASP B 110 16.11 24.09 -23.85
C ASP B 110 15.55 22.66 -23.99
N GLY B 111 14.76 22.23 -23.00
CA GLY B 111 14.13 20.91 -23.00
C GLY B 111 14.80 19.88 -22.12
N SER B 112 15.82 20.29 -21.34
CA SER B 112 16.54 19.41 -20.42
C SER B 112 15.75 19.14 -19.14
N VAL B 113 15.79 17.89 -18.65
CA VAL B 113 15.11 17.47 -17.42
C VAL B 113 16.13 16.88 -16.43
N MET B 114 16.01 17.25 -15.15
CA MET B 114 16.84 16.75 -14.04
C MET B 114 15.93 16.20 -12.94
N PHE B 115 16.16 14.93 -12.55
CA PHE B 115 15.40 14.22 -11.52
C PHE B 115 16.36 13.50 -10.56
N ILE B 116 16.25 13.79 -9.24
CA ILE B 116 17.15 13.20 -8.22
C ILE B 116 16.36 12.35 -7.16
N PRO B 117 16.08 11.05 -7.44
CA PRO B 117 15.34 10.24 -6.46
C PRO B 117 16.22 9.52 -5.42
N ALA B 118 15.84 9.63 -4.10
CA ALA B 118 16.53 8.98 -2.97
C ALA B 118 15.84 7.68 -2.63
N GLN B 119 16.62 6.57 -2.43
CA GLN B 119 16.02 5.26 -2.18
C GLN B 119 16.88 4.26 -1.38
N ARG B 120 16.21 3.20 -0.85
CA ARG B 120 16.77 2.05 -0.12
C ARG B 120 16.61 0.79 -0.99
N LEU B 121 17.70 0.00 -1.17
CA LEU B 121 17.66 -1.19 -2.05
C LEU B 121 18.34 -2.42 -1.44
N SER B 122 17.67 -3.61 -1.60
CA SER B 122 18.17 -4.92 -1.15
C SER B 122 18.55 -5.76 -2.36
N PHE B 123 19.81 -6.18 -2.45
CA PHE B 123 20.29 -6.94 -3.61
C PHE B 123 21.20 -8.13 -3.22
N MET B 124 21.44 -9.04 -4.20
CA MET B 124 22.27 -10.24 -4.06
C MET B 124 23.74 -9.84 -3.94
N CYS B 125 24.41 -10.32 -2.83
CA CYS B 125 25.81 -10.05 -2.50
C CYS B 125 26.29 -11.00 -1.37
N ASP B 126 27.38 -11.78 -1.63
CA ASP B 126 27.98 -12.68 -0.64
C ASP B 126 28.94 -11.87 0.26
N PRO B 127 28.68 -11.75 1.59
CA PRO B 127 29.54 -10.91 2.43
C PRO B 127 30.70 -11.63 3.12
N THR B 128 31.02 -12.87 2.71
CA THR B 128 32.10 -13.66 3.29
C THR B 128 33.44 -12.94 3.17
N GLY B 129 34.04 -12.64 4.32
CA GLY B 129 35.32 -11.95 4.41
C GLY B 129 35.23 -10.46 4.68
N VAL B 130 34.07 -9.98 5.14
CA VAL B 130 33.86 -8.56 5.47
C VAL B 130 34.61 -8.24 6.78
N ASP B 131 34.79 -9.26 7.63
CA ASP B 131 35.49 -9.21 8.92
C ASP B 131 37.02 -9.19 8.75
N SER B 132 37.53 -9.40 7.51
CA SER B 132 38.96 -9.38 7.21
C SER B 132 39.45 -7.95 6.98
N GLU B 133 40.79 -7.76 6.94
CA GLU B 133 41.41 -6.45 6.71
C GLU B 133 41.29 -6.05 5.23
N GLU B 134 41.34 -7.05 4.33
CA GLU B 134 41.25 -6.87 2.88
C GLU B 134 39.83 -6.51 2.43
N GLY B 135 38.82 -6.99 3.15
CA GLY B 135 37.40 -6.74 2.85
C GLY B 135 36.83 -7.57 1.73
N VAL B 136 35.53 -7.33 1.41
CA VAL B 136 34.76 -8.03 0.37
C VAL B 136 34.23 -7.00 -0.69
N THR B 137 34.07 -7.45 -1.96
CA THR B 137 33.58 -6.63 -3.08
C THR B 137 32.28 -7.19 -3.65
N CYS B 138 31.34 -6.30 -4.01
CA CYS B 138 30.03 -6.64 -4.57
C CYS B 138 29.64 -5.68 -5.69
N ALA B 139 28.72 -6.09 -6.58
CA ALA B 139 28.26 -5.28 -7.71
C ALA B 139 26.78 -5.43 -8.01
N VAL B 140 26.19 -4.42 -8.69
CA VAL B 140 24.77 -4.35 -9.09
C VAL B 140 24.62 -3.46 -10.36
N LYS B 141 23.87 -3.95 -11.38
CA LYS B 141 23.64 -3.27 -12.66
C LYS B 141 22.32 -2.51 -12.70
N PHE B 142 22.34 -1.30 -13.31
CA PHE B 142 21.16 -0.46 -13.47
C PHE B 142 20.88 -0.15 -14.93
N GLY B 143 19.61 -0.07 -15.32
CA GLY B 143 19.21 0.24 -16.70
C GLY B 143 17.73 0.08 -16.97
N SER B 144 17.27 0.46 -18.20
CA SER B 144 15.85 0.33 -18.61
C SER B 144 15.49 -1.12 -18.85
N TRP B 145 14.36 -1.55 -18.29
CA TRP B 145 13.88 -2.92 -18.40
C TRP B 145 13.40 -3.29 -19.84
N VAL B 146 12.59 -2.43 -20.48
CA VAL B 146 11.98 -2.71 -21.78
C VAL B 146 12.65 -2.11 -23.04
N TYR B 147 13.28 -0.92 -22.98
CA TYR B 147 13.86 -0.30 -24.20
C TYR B 147 15.29 -0.75 -24.50
N SER B 148 15.61 -1.05 -25.78
CA SER B 148 16.96 -1.48 -26.20
C SER B 148 17.90 -0.26 -26.38
N GLY B 149 19.05 -0.48 -27.01
CA GLY B 149 20.03 0.57 -27.24
C GLY B 149 19.61 1.61 -28.25
N PHE B 150 18.95 1.16 -29.33
CA PHE B 150 18.48 1.99 -30.45
C PHE B 150 17.32 2.93 -30.05
N GLU B 151 16.87 2.85 -28.79
CA GLU B 151 15.79 3.66 -28.23
C GLU B 151 16.35 4.47 -27.03
N ILE B 152 17.04 3.81 -26.05
CA ILE B 152 17.66 4.51 -24.91
C ILE B 152 19.14 4.08 -24.70
N ASP B 153 20.06 5.06 -24.74
CA ASP B 153 21.49 4.86 -24.48
C ASP B 153 21.82 5.47 -23.10
N LEU B 154 22.93 5.05 -22.47
CA LEU B 154 23.33 5.58 -21.16
C LEU B 154 24.72 6.19 -21.20
N LYS B 155 24.99 7.10 -20.26
CA LYS B 155 26.23 7.87 -20.16
C LYS B 155 26.54 8.21 -18.68
N THR B 156 27.84 8.35 -18.33
CA THR B 156 28.30 8.77 -16.99
C THR B 156 29.33 9.88 -17.15
N ASP B 157 29.17 10.98 -16.38
CA ASP B 157 30.11 12.11 -16.44
C ASP B 157 31.49 11.76 -15.84
N THR B 158 31.51 10.86 -14.84
CA THR B 158 32.72 10.36 -14.16
C THR B 158 32.56 8.88 -13.82
N ASP B 159 33.68 8.24 -13.45
CA ASP B 159 33.69 6.84 -13.06
C ASP B 159 33.82 6.69 -11.54
N GLN B 160 33.99 7.82 -10.80
CA GLN B 160 34.08 7.78 -9.35
C GLN B 160 32.76 8.15 -8.73
N VAL B 161 32.23 7.22 -7.91
CA VAL B 161 30.96 7.35 -7.17
C VAL B 161 31.15 8.38 -6.06
N ASP B 162 30.19 9.32 -5.88
CA ASP B 162 30.29 10.39 -4.88
C ASP B 162 30.18 9.86 -3.45
N LEU B 163 31.30 9.96 -2.69
CA LEU B 163 31.33 9.46 -1.30
C LEU B 163 31.45 10.60 -0.28
N SER B 164 31.25 11.86 -0.74
CA SER B 164 31.31 13.06 0.11
C SER B 164 30.16 13.13 1.13
N SER B 165 29.13 12.27 1.00
CA SER B 165 27.98 12.25 1.90
C SER B 165 27.81 10.89 2.59
N TYR B 166 28.87 10.04 2.60
CA TYR B 166 28.81 8.73 3.25
C TYR B 166 28.81 8.90 4.77
N TYR B 167 27.91 8.18 5.49
CA TYR B 167 27.74 8.22 6.95
C TYR B 167 29.01 7.80 7.67
N ALA B 168 29.58 8.77 8.40
CA ALA B 168 30.83 8.69 9.15
C ALA B 168 30.87 7.57 10.19
N SER B 169 29.77 7.33 10.94
CA SER B 169 29.72 6.31 11.98
C SER B 169 29.04 5.01 11.52
N SER B 170 29.08 4.71 10.20
CA SER B 170 28.51 3.45 9.65
C SER B 170 29.29 2.26 10.17
N LYS B 171 28.64 1.09 10.32
CA LYS B 171 29.30 -0.13 10.78
C LYS B 171 30.30 -0.69 9.74
N TYR B 172 30.28 -0.14 8.50
CA TYR B 172 31.12 -0.58 7.38
C TYR B 172 31.84 0.57 6.69
N GLU B 173 33.16 0.41 6.51
CA GLU B 173 34.08 1.34 5.85
C GLU B 173 34.14 1.07 4.32
N ILE B 174 33.92 2.12 3.47
CA ILE B 174 34.04 1.99 2.01
C ILE B 174 35.51 2.14 1.64
N LEU B 175 36.02 1.20 0.81
CA LEU B 175 37.41 1.20 0.34
C LEU B 175 37.49 1.62 -1.15
N SER B 176 36.45 1.31 -1.96
CA SER B 176 36.36 1.69 -3.38
C SER B 176 34.88 1.78 -3.81
N ALA B 177 34.60 2.54 -4.88
CA ALA B 177 33.24 2.71 -5.43
C ALA B 177 33.29 3.27 -6.87
N THR B 178 32.94 2.43 -7.88
CA THR B 178 32.97 2.84 -9.29
C THR B 178 31.64 2.62 -10.02
N GLN B 179 31.38 3.46 -11.04
CA GLN B 179 30.23 3.43 -11.96
C GLN B 179 30.75 3.35 -13.41
N THR B 180 30.41 2.25 -14.12
CA THR B 180 30.92 1.99 -15.47
C THR B 180 29.83 1.49 -16.42
N ARG B 181 29.80 2.03 -17.65
CA ARG B 181 28.84 1.67 -18.70
C ARG B 181 29.17 0.30 -19.31
N GLN B 182 28.13 -0.52 -19.59
CA GLN B 182 28.25 -1.86 -20.18
C GLN B 182 27.28 -2.05 -21.35
N VAL B 183 27.52 -3.06 -22.22
CA VAL B 183 26.68 -3.42 -23.37
C VAL B 183 26.42 -4.93 -23.32
N GLN B 184 25.15 -5.27 -23.09
CA GLN B 184 24.69 -6.64 -22.98
C GLN B 184 24.11 -7.13 -24.30
N HIS B 185 24.32 -8.42 -24.58
CA HIS B 185 23.75 -9.10 -25.73
C HIS B 185 22.95 -10.27 -25.19
N TYR B 186 21.63 -10.26 -25.43
CA TYR B 186 20.73 -11.32 -24.96
C TYR B 186 20.28 -12.16 -26.12
N SER B 187 20.11 -13.47 -25.89
CA SER B 187 19.68 -14.48 -26.86
C SER B 187 18.33 -14.13 -27.49
N CYS B 188 17.33 -13.85 -26.62
CA CYS B 188 15.94 -13.49 -26.85
C CYS B 188 15.72 -12.45 -27.91
N CYS B 189 16.64 -11.50 -28.00
CA CYS B 189 16.45 -10.24 -28.65
C CYS B 189 17.56 -9.87 -29.65
N PRO B 190 17.22 -9.08 -30.71
CA PRO B 190 18.20 -8.79 -31.78
C PRO B 190 19.04 -7.51 -31.65
N GLU B 191 18.68 -6.64 -30.71
CA GLU B 191 19.36 -5.37 -30.46
C GLU B 191 20.17 -5.48 -29.15
N PRO B 192 21.27 -4.73 -28.97
CA PRO B 192 22.00 -4.83 -27.68
C PRO B 192 21.41 -3.90 -26.60
N TYR B 193 21.36 -4.37 -25.34
CA TYR B 193 20.83 -3.57 -24.23
C TYR B 193 21.98 -3.00 -23.36
N ILE B 194 21.88 -1.72 -22.94
CA ILE B 194 22.93 -1.03 -22.17
C ILE B 194 22.59 -0.92 -20.67
N ASP B 195 23.63 -0.90 -19.84
CA ASP B 195 23.52 -0.75 -18.40
C ASP B 195 24.73 0.05 -17.82
N VAL B 196 24.67 0.39 -16.52
CA VAL B 196 25.73 1.08 -15.79
C VAL B 196 25.95 0.28 -14.51
N ASN B 197 27.11 -0.39 -14.45
CA ASN B 197 27.52 -1.28 -13.37
C ASN B 197 28.19 -0.51 -12.18
N LEU B 198 27.59 -0.69 -10.96
CA LEU B 198 28.01 -0.12 -9.67
C LEU B 198 28.79 -1.18 -8.85
N VAL B 199 30.10 -0.95 -8.59
CA VAL B 199 31.00 -1.88 -7.86
C VAL B 199 31.57 -1.22 -6.62
N VAL B 200 31.28 -1.81 -5.45
CA VAL B 200 31.70 -1.30 -4.16
C VAL B 200 32.55 -2.32 -3.38
N LYS B 201 33.68 -1.85 -2.83
CA LYS B 201 34.61 -2.60 -1.98
C LYS B 201 34.48 -2.04 -0.55
N PHE B 202 34.25 -2.91 0.46
CA PHE B 202 34.03 -2.48 1.85
C PHE B 202 34.48 -3.53 2.88
N ARG B 203 34.46 -3.16 4.19
CA ARG B 203 34.84 -3.99 5.35
C ARG B 203 34.25 -3.42 6.66
N GLU B 204 34.30 -4.20 7.76
CA GLU B 204 33.83 -3.75 9.08
C GLU B 204 34.76 -2.68 9.67
N ARG B 205 34.21 -1.67 10.38
CA ARG B 205 34.90 -0.51 11.01
C ARG B 205 36.38 -0.74 11.33
N GLN C 1 6.39 11.67 -34.19
CA GLN C 1 5.69 11.05 -33.06
C GLN C 1 4.20 10.96 -33.35
N ALA C 2 3.71 11.82 -34.28
CA ALA C 2 2.31 11.98 -34.71
C ALA C 2 1.67 10.67 -35.20
N ASN C 3 2.44 9.84 -35.94
CA ASN C 3 1.96 8.56 -36.47
C ASN C 3 1.71 7.56 -35.35
N LEU C 4 2.67 7.40 -34.41
CA LEU C 4 2.55 6.47 -33.29
C LEU C 4 1.38 6.87 -32.38
N MET C 5 1.21 8.20 -32.14
CA MET C 5 0.13 8.76 -31.32
C MET C 5 -1.24 8.46 -31.96
N ARG C 6 -1.30 8.51 -33.32
CA ARG C 6 -2.49 8.25 -34.12
C ARG C 6 -2.88 6.77 -34.04
N LEU C 7 -1.90 5.84 -34.26
CA LEU C 7 -2.09 4.38 -34.21
C LEU C 7 -2.65 3.97 -32.85
N LYS C 8 -2.04 4.49 -31.77
CA LYS C 8 -2.43 4.24 -30.39
C LYS C 8 -3.87 4.70 -30.14
N SER C 9 -4.22 5.89 -30.65
CA SER C 9 -5.56 6.49 -30.52
C SER C 9 -6.62 5.64 -31.24
N ASP C 10 -6.31 5.16 -32.44
CA ASP C 10 -7.20 4.34 -33.25
C ASP C 10 -7.41 2.95 -32.63
N LEU C 11 -6.36 2.36 -32.05
CA LEU C 11 -6.44 1.04 -31.45
C LEU C 11 -7.21 1.02 -30.13
N PHE C 12 -6.87 1.90 -29.18
CA PHE C 12 -7.44 1.87 -27.84
C PHE C 12 -8.67 2.78 -27.61
N ASN C 13 -8.76 3.94 -28.27
CA ASN C 13 -9.88 4.86 -27.99
C ASN C 13 -11.09 4.70 -28.91
N ARG C 14 -10.89 4.35 -30.19
CA ARG C 14 -12.00 4.20 -31.14
C ARG C 14 -12.85 2.93 -30.89
N SER C 15 -12.21 1.75 -30.97
CA SER C 15 -12.81 0.42 -30.81
C SER C 15 -13.23 0.10 -29.34
N PRO C 16 -14.18 -0.86 -29.10
CA PRO C 16 -14.56 -1.17 -27.71
C PRO C 16 -13.60 -2.15 -27.02
N MET C 17 -13.82 -2.38 -25.72
CA MET C 17 -12.99 -3.24 -24.86
C MET C 17 -13.09 -4.73 -25.19
N TYR C 18 -11.93 -5.42 -25.22
CA TYR C 18 -11.85 -6.86 -25.49
C TYR C 18 -12.36 -7.62 -24.24
N PRO C 19 -13.40 -8.49 -24.39
CA PRO C 19 -13.97 -9.16 -23.22
C PRO C 19 -13.34 -10.51 -22.83
N GLY C 20 -12.13 -10.79 -23.33
CA GLY C 20 -11.39 -12.01 -23.02
C GLY C 20 -11.70 -13.23 -23.88
N PRO C 21 -10.98 -14.36 -23.65
CA PRO C 21 -11.24 -15.58 -24.45
C PRO C 21 -12.55 -16.29 -24.06
N THR C 22 -13.19 -16.94 -25.04
CA THR C 22 -14.44 -17.70 -24.85
C THR C 22 -14.19 -19.12 -25.38
N LYS C 23 -15.20 -20.02 -25.30
CA LYS C 23 -15.06 -21.37 -25.85
C LYS C 23 -15.04 -21.30 -27.37
N ASP C 24 -15.70 -20.28 -27.94
CA ASP C 24 -15.78 -20.03 -29.37
C ASP C 24 -14.55 -19.30 -29.88
N ASP C 25 -13.97 -18.43 -29.05
CA ASP C 25 -12.77 -17.68 -29.42
C ASP C 25 -11.66 -17.95 -28.37
N PRO C 26 -11.07 -19.17 -28.35
CA PRO C 26 -10.03 -19.46 -27.35
C PRO C 26 -8.67 -18.94 -27.81
N LEU C 27 -7.71 -18.89 -26.88
CA LEU C 27 -6.34 -18.47 -27.17
C LEU C 27 -5.36 -19.30 -26.35
N THR C 28 -4.09 -19.37 -26.82
CA THR C 28 -2.99 -20.10 -26.19
C THR C 28 -1.91 -19.13 -25.73
N VAL C 29 -1.39 -19.37 -24.51
CA VAL C 29 -0.33 -18.55 -23.91
C VAL C 29 0.96 -19.38 -23.76
N THR C 30 2.10 -18.85 -24.22
CA THR C 30 3.40 -19.51 -24.09
C THR C 30 4.10 -19.00 -22.84
N LEU C 31 4.61 -19.93 -22.02
CA LEU C 31 5.27 -19.63 -20.75
C LEU C 31 6.73 -20.07 -20.74
N GLY C 32 7.55 -19.37 -19.97
CA GLY C 32 8.98 -19.63 -19.83
C GLY C 32 9.56 -19.00 -18.60
N PHE C 33 10.47 -19.72 -17.91
CA PHE C 33 11.07 -19.22 -16.67
C PHE C 33 12.59 -19.05 -16.75
N THR C 34 13.07 -17.95 -16.12
CA THR C 34 14.47 -17.61 -15.95
C THR C 34 14.72 -17.52 -14.45
N LEU C 35 15.37 -18.55 -13.86
CA LEU C 35 15.64 -18.61 -12.43
C LEU C 35 16.89 -17.81 -12.09
N GLN C 36 16.75 -16.87 -11.12
CA GLN C 36 17.81 -15.95 -10.70
C GLN C 36 18.44 -16.33 -9.36
N ASP C 37 17.64 -16.75 -8.35
CA ASP C 37 18.15 -17.10 -7.02
C ASP C 37 17.10 -17.77 -6.10
N ILE C 38 17.60 -18.61 -5.19
CA ILE C 38 16.90 -19.22 -4.07
C ILE C 38 17.41 -18.38 -2.88
N VAL C 39 16.60 -17.41 -2.41
CA VAL C 39 17.05 -16.48 -1.37
C VAL C 39 17.09 -17.11 0.04
N LYS C 40 16.02 -17.84 0.49
CA LYS C 40 16.03 -18.48 1.82
C LYS C 40 15.09 -19.69 1.92
N VAL C 41 15.38 -20.60 2.89
CA VAL C 41 14.54 -21.77 3.18
C VAL C 41 14.14 -21.74 4.69
N ASP C 42 12.86 -21.94 5.01
CA ASP C 42 12.42 -21.95 6.40
C ASP C 42 11.94 -23.34 6.80
N SER C 43 12.81 -24.06 7.49
CA SER C 43 12.59 -25.44 7.96
C SER C 43 11.50 -25.57 9.00
N SER C 44 11.18 -24.49 9.73
CA SER C 44 10.17 -24.50 10.79
C SER C 44 8.73 -24.31 10.27
N THR C 45 8.54 -23.76 9.04
CA THR C 45 7.20 -23.55 8.45
C THR C 45 7.08 -24.21 7.07
N ASN C 46 8.20 -24.75 6.53
CA ASN C 46 8.30 -25.40 5.22
C ASN C 46 7.88 -24.41 4.10
N GLU C 47 8.58 -23.27 4.06
CA GLU C 47 8.37 -22.19 3.08
C GLU C 47 9.70 -21.88 2.37
N VAL C 48 9.68 -21.72 1.05
CA VAL C 48 10.89 -21.41 0.26
C VAL C 48 10.63 -20.16 -0.65
N ASP C 49 11.63 -19.24 -0.70
CA ASP C 49 11.56 -18.01 -1.49
C ASP C 49 12.37 -18.12 -2.79
N LEU C 50 11.75 -17.68 -3.92
CA LEU C 50 12.33 -17.67 -5.28
C LEU C 50 12.28 -16.27 -5.91
N VAL C 51 13.35 -15.89 -6.64
CA VAL C 51 13.46 -14.63 -7.39
C VAL C 51 13.70 -15.04 -8.85
N TYR C 52 12.85 -14.56 -9.78
CA TYR C 52 12.86 -14.95 -11.20
C TYR C 52 12.08 -13.98 -12.07
N TYR C 53 12.03 -14.24 -13.39
CA TYR C 53 11.18 -13.50 -14.31
C TYR C 53 10.59 -14.42 -15.36
N GLU C 54 9.28 -14.25 -15.56
CA GLU C 54 8.39 -15.01 -16.46
C GLU C 54 8.30 -14.45 -17.89
N GLN C 55 8.13 -15.32 -18.88
CA GLN C 55 7.92 -14.93 -20.27
C GLN C 55 6.47 -15.25 -20.64
N GLN C 56 5.71 -14.23 -21.09
CA GLN C 56 4.30 -14.38 -21.49
C GLN C 56 4.13 -13.94 -22.95
N ARG C 57 3.55 -14.83 -23.80
CA ARG C 57 3.30 -14.57 -25.23
C ARG C 57 1.90 -15.01 -25.64
N TRP C 58 1.15 -14.11 -26.32
CA TRP C 58 -0.19 -14.38 -26.87
C TRP C 58 -0.43 -13.48 -28.10
N LYS C 59 -1.44 -13.83 -28.94
CA LYS C 59 -1.76 -13.05 -30.14
C LYS C 59 -3.27 -12.77 -30.22
N LEU C 60 -3.66 -11.55 -30.61
CA LEU C 60 -5.05 -11.11 -30.75
C LEU C 60 -5.26 -10.44 -32.10
N ASN C 61 -6.41 -10.71 -32.76
CA ASN C 61 -6.73 -10.12 -34.05
C ASN C 61 -7.12 -8.65 -33.89
N SER C 62 -7.67 -8.30 -32.72
CA SER C 62 -8.09 -6.95 -32.38
C SER C 62 -6.91 -5.98 -32.21
N LEU C 63 -5.66 -6.50 -32.20
CA LEU C 63 -4.46 -5.69 -31.99
C LEU C 63 -3.55 -5.56 -33.23
N MET C 64 -3.94 -6.12 -34.40
CA MET C 64 -3.07 -6.02 -35.58
C MET C 64 -3.39 -4.80 -36.45
N TRP C 65 -2.40 -4.36 -37.27
CA TRP C 65 -2.51 -3.20 -38.18
C TRP C 65 -1.58 -3.32 -39.43
N ASP C 66 -1.81 -2.46 -40.44
CA ASP C 66 -0.97 -2.39 -41.64
C ASP C 66 0.12 -1.34 -41.41
N PRO C 67 1.42 -1.73 -41.37
CA PRO C 67 2.48 -0.74 -41.09
C PRO C 67 2.56 0.38 -42.13
N ASN C 68 2.28 0.06 -43.40
CA ASN C 68 2.29 0.99 -44.52
C ASN C 68 1.35 2.19 -44.27
N GLU C 69 0.17 1.96 -43.67
CA GLU C 69 -0.82 3.01 -43.40
C GLU C 69 -0.44 3.91 -42.22
N TYR C 70 0.49 3.48 -41.35
CA TYR C 70 0.90 4.26 -40.19
C TYR C 70 2.41 4.58 -40.21
N GLY C 71 2.91 5.02 -41.36
CA GLY C 71 4.30 5.42 -41.57
C GLY C 71 5.35 4.37 -41.25
N ASN C 72 5.14 3.13 -41.73
CA ASN C 72 6.01 1.95 -41.60
C ASN C 72 6.42 1.67 -40.12
N ILE C 73 5.42 1.54 -39.22
CA ILE C 73 5.63 1.20 -37.82
C ILE C 73 5.32 -0.29 -37.65
N THR C 74 6.30 -1.07 -37.19
CA THR C 74 6.15 -2.51 -37.00
C THR C 74 5.76 -2.90 -35.57
N ASP C 75 6.24 -2.14 -34.55
CA ASP C 75 5.97 -2.44 -33.14
C ASP C 75 6.08 -1.19 -32.23
N PHE C 76 5.63 -1.32 -30.95
CA PHE C 76 5.69 -0.26 -29.93
C PHE C 76 5.54 -0.83 -28.52
N ARG C 77 6.04 -0.06 -27.51
CA ARG C 77 5.97 -0.36 -26.08
C ARG C 77 4.74 0.35 -25.50
N THR C 78 4.01 -0.31 -24.60
CA THR C 78 2.79 0.25 -23.97
C THR C 78 2.61 -0.31 -22.54
N SER C 79 1.99 0.51 -21.67
CA SER C 79 1.72 0.11 -20.30
C SER C 79 0.75 -1.05 -20.31
N ALA C 80 1.01 -2.05 -19.45
CA ALA C 80 0.20 -3.26 -19.33
C ALA C 80 -1.25 -2.94 -18.92
N ALA C 81 -1.47 -1.70 -18.44
CA ALA C 81 -2.79 -1.19 -18.04
C ALA C 81 -3.69 -0.95 -19.24
N ASP C 82 -3.11 -0.67 -20.40
CA ASP C 82 -3.83 -0.38 -21.64
C ASP C 82 -4.35 -1.62 -22.36
N ILE C 83 -3.75 -2.81 -22.10
CA ILE C 83 -4.11 -4.06 -22.80
C ILE C 83 -4.60 -5.17 -21.86
N TRP C 84 -5.27 -6.21 -22.44
CA TRP C 84 -5.74 -7.40 -21.71
C TRP C 84 -4.55 -8.27 -21.37
N THR C 85 -4.52 -8.86 -20.16
CA THR C 85 -3.43 -9.74 -19.72
C THR C 85 -3.97 -11.05 -19.09
N PRO C 86 -3.30 -12.21 -19.31
CA PRO C 86 -3.78 -13.48 -18.69
C PRO C 86 -3.56 -13.51 -17.17
N ASP C 87 -4.43 -14.25 -16.41
CA ASP C 87 -4.35 -14.31 -14.93
C ASP C 87 -3.56 -15.53 -14.34
N ILE C 88 -2.30 -15.72 -14.79
CA ILE C 88 -1.41 -16.83 -14.38
C ILE C 88 -1.04 -16.70 -12.89
N THR C 89 -1.51 -17.66 -12.06
CA THR C 89 -1.32 -17.75 -10.60
C THR C 89 -0.58 -19.02 -10.17
N ALA C 90 0.07 -18.97 -8.99
CA ALA C 90 0.77 -20.11 -8.35
C ALA C 90 -0.19 -20.76 -7.33
N TYR C 91 -0.41 -22.08 -7.45
CA TYR C 91 -1.36 -22.79 -6.59
C TYR C 91 -0.91 -22.90 -5.11
N SER C 92 0.39 -23.17 -4.83
CA SER C 92 0.89 -23.37 -3.46
C SER C 92 1.58 -22.13 -2.81
N SER C 93 1.23 -20.88 -3.19
CA SER C 93 1.83 -19.68 -2.58
C SER C 93 1.34 -19.48 -1.13
N THR C 94 2.14 -18.85 -0.26
CA THR C 94 1.75 -18.64 1.14
C THR C 94 1.68 -17.14 1.50
N ARG C 95 2.19 -16.25 0.62
CA ARG C 95 2.21 -14.78 0.77
C ARG C 95 1.99 -14.12 -0.59
N PRO C 96 1.39 -12.90 -0.67
CA PRO C 96 1.14 -12.29 -1.99
C PRO C 96 2.43 -12.01 -2.76
N VAL C 97 2.45 -12.31 -4.08
CA VAL C 97 3.64 -12.13 -4.92
C VAL C 97 4.03 -10.64 -4.98
N GLN C 98 5.36 -10.36 -4.84
CA GLN C 98 5.94 -9.02 -4.93
C GLN C 98 6.46 -8.76 -6.35
N VAL C 99 6.10 -7.61 -6.96
CA VAL C 99 6.56 -7.24 -8.32
C VAL C 99 7.89 -6.52 -8.21
N LEU C 100 8.87 -6.87 -9.07
CA LEU C 100 10.20 -6.26 -9.02
C LEU C 100 10.63 -5.58 -10.35
N SER C 101 9.71 -5.40 -11.32
CA SER C 101 10.01 -4.76 -12.61
C SER C 101 8.85 -3.83 -13.09
N PRO C 102 9.12 -2.84 -13.99
CA PRO C 102 8.02 -2.03 -14.56
C PRO C 102 7.01 -2.87 -15.40
N GLN C 103 5.73 -2.43 -15.41
CA GLN C 103 4.63 -3.14 -16.08
C GLN C 103 4.39 -2.60 -17.49
N ILE C 104 5.34 -2.85 -18.39
CA ILE C 104 5.28 -2.43 -19.79
C ILE C 104 5.38 -3.68 -20.69
N ALA C 105 4.59 -3.74 -21.77
CA ALA C 105 4.60 -4.83 -22.75
C ALA C 105 4.86 -4.30 -24.17
N VAL C 106 5.23 -5.18 -25.12
CA VAL C 106 5.53 -4.79 -26.51
C VAL C 106 4.50 -5.42 -27.46
N VAL C 107 3.95 -4.61 -28.38
CA VAL C 107 2.93 -5.03 -29.35
C VAL C 107 3.48 -4.90 -30.78
N THR C 108 3.38 -5.99 -31.58
CA THR C 108 3.82 -6.01 -33.00
C THR C 108 2.59 -5.95 -33.93
N HIS C 109 2.81 -5.51 -35.19
CA HIS C 109 1.77 -5.27 -36.19
C HIS C 109 0.92 -6.49 -36.55
N ASP C 110 1.36 -7.72 -36.20
CA ASP C 110 0.58 -8.92 -36.50
C ASP C 110 -0.39 -9.27 -35.36
N GLY C 111 -0.30 -8.54 -34.25
CA GLY C 111 -1.18 -8.74 -33.10
C GLY C 111 -0.57 -9.50 -31.94
N SER C 112 0.74 -9.83 -32.04
CA SER C 112 1.47 -10.55 -30.99
C SER C 112 1.84 -9.64 -29.82
N VAL C 113 1.71 -10.16 -28.58
CA VAL C 113 2.04 -9.43 -27.35
C VAL C 113 3.12 -10.22 -26.56
N MET C 114 4.11 -9.49 -26.04
CA MET C 114 5.18 -10.04 -25.20
C MET C 114 5.26 -9.24 -23.90
N PHE C 115 5.17 -9.94 -22.75
CA PHE C 115 5.21 -9.34 -21.41
C PHE C 115 6.17 -10.14 -20.52
N ILE C 116 7.18 -9.46 -19.92
CA ILE C 116 8.22 -10.12 -19.10
C ILE C 116 8.20 -9.57 -17.63
N PRO C 117 7.34 -10.11 -16.73
CA PRO C 117 7.32 -9.60 -15.35
C PRO C 117 8.31 -10.28 -14.39
N ALA C 118 9.09 -9.49 -13.62
CA ALA C 118 10.07 -9.97 -12.62
C ALA C 118 9.42 -9.99 -11.24
N GLN C 119 9.61 -11.09 -10.47
CA GLN C 119 8.94 -11.21 -9.16
C GLN C 119 9.64 -12.13 -8.13
N ARG C 120 9.22 -11.97 -6.84
CA ARG C 120 9.62 -12.76 -5.67
C ARG C 120 8.40 -13.57 -5.18
N LEU C 121 8.59 -14.90 -4.93
CA LEU C 121 7.49 -15.80 -4.54
C LEU C 121 7.87 -16.72 -3.36
N SER C 122 6.91 -16.90 -2.39
CA SER C 122 7.02 -17.79 -1.23
C SER C 122 6.02 -18.90 -1.35
N PHE C 123 6.49 -20.17 -1.37
CA PHE C 123 5.60 -21.32 -1.54
C PHE C 123 5.93 -22.51 -0.62
N MET C 124 4.99 -23.47 -0.53
CA MET C 124 5.07 -24.69 0.29
C MET C 124 6.10 -25.67 -0.29
N CYS C 125 7.12 -26.05 0.54
CA CYS C 125 8.24 -26.94 0.18
C CYS C 125 8.99 -27.40 1.45
N ASP C 126 9.14 -28.72 1.66
CA ASP C 126 9.88 -29.29 2.80
C ASP C 126 11.37 -29.35 2.45
N PRO C 127 12.26 -28.63 3.20
CA PRO C 127 13.68 -28.57 2.81
C PRO C 127 14.58 -29.61 3.47
N THR C 128 13.99 -30.64 4.14
CA THR C 128 14.73 -31.69 4.83
C THR C 128 15.69 -32.42 3.86
N GLY C 129 16.97 -32.34 4.17
CA GLY C 129 18.03 -32.98 3.39
C GLY C 129 18.74 -32.07 2.41
N VAL C 130 18.61 -30.73 2.59
CA VAL C 130 19.28 -29.75 1.73
C VAL C 130 20.78 -29.73 2.06
N ASP C 131 21.13 -30.09 3.31
CA ASP C 131 22.48 -30.18 3.87
C ASP C 131 23.22 -31.43 3.39
N SER C 132 22.52 -32.37 2.70
CA SER C 132 23.11 -33.59 2.18
C SER C 132 23.78 -33.35 0.82
N GLU C 133 24.59 -34.32 0.34
CA GLU C 133 25.28 -34.21 -0.95
C GLU C 133 24.29 -34.45 -2.09
N GLU C 134 23.27 -35.30 -1.88
CA GLU C 134 22.24 -35.64 -2.86
C GLU C 134 21.24 -34.49 -3.08
N GLY C 135 20.99 -33.69 -2.03
CA GLY C 135 20.07 -32.56 -2.06
C GLY C 135 18.59 -32.90 -1.92
N VAL C 136 17.72 -31.86 -1.99
CA VAL C 136 16.26 -31.98 -1.87
C VAL C 136 15.55 -31.42 -3.15
N THR C 137 14.36 -31.97 -3.49
CA THR C 137 13.56 -31.57 -4.67
C THR C 137 12.19 -31.02 -4.26
N CYS C 138 11.73 -29.95 -4.95
CA CYS C 138 10.44 -29.29 -4.70
C CYS C 138 9.78 -28.88 -6.02
N ALA C 139 8.45 -28.63 -5.99
CA ALA C 139 7.69 -28.22 -7.19
C ALA C 139 6.58 -27.22 -6.87
N VAL C 140 6.14 -26.45 -7.91
CA VAL C 140 5.07 -25.42 -7.84
C VAL C 140 4.41 -25.28 -9.24
N LYS C 141 3.05 -25.28 -9.27
CA LYS C 141 2.21 -25.21 -10.47
C LYS C 141 1.75 -23.80 -10.77
N PHE C 142 1.78 -23.41 -12.07
CA PHE C 142 1.33 -22.10 -12.55
C PHE C 142 0.24 -22.29 -13.58
N GLY C 143 -0.78 -21.44 -13.52
CA GLY C 143 -1.89 -21.49 -14.47
C GLY C 143 -2.94 -20.42 -14.24
N SER C 144 -3.94 -20.35 -15.14
CA SER C 144 -5.05 -19.40 -14.99
C SER C 144 -6.01 -19.91 -13.89
N TRP C 145 -6.40 -19.02 -12.99
CA TRP C 145 -7.28 -19.33 -11.88
C TRP C 145 -8.73 -19.60 -12.33
N VAL C 146 -9.31 -18.74 -13.20
CA VAL C 146 -10.73 -18.76 -13.61
C VAL C 146 -11.06 -19.47 -14.94
N TYR C 147 -10.12 -19.46 -15.91
CA TYR C 147 -10.36 -20.05 -17.23
C TYR C 147 -9.95 -21.51 -17.33
N SER C 148 -10.77 -22.36 -18.00
CA SER C 148 -10.48 -23.79 -18.19
C SER C 148 -9.57 -24.00 -19.41
N GLY C 149 -9.55 -25.22 -19.94
CA GLY C 149 -8.73 -25.55 -21.10
C GLY C 149 -9.39 -25.20 -22.41
N PHE C 150 -10.72 -25.00 -22.39
CA PHE C 150 -11.52 -24.64 -23.57
C PHE C 150 -11.49 -23.14 -23.85
N GLU C 151 -10.90 -22.35 -22.94
CA GLU C 151 -10.80 -20.91 -23.11
C GLU C 151 -9.34 -20.52 -23.28
N ILE C 152 -8.44 -21.05 -22.41
CA ILE C 152 -6.99 -20.81 -22.44
C ILE C 152 -6.20 -22.13 -22.39
N ASP C 153 -5.27 -22.29 -23.32
CA ASP C 153 -4.34 -23.41 -23.38
C ASP C 153 -2.93 -22.86 -23.09
N LEU C 154 -2.01 -23.71 -22.62
CA LEU C 154 -0.64 -23.29 -22.32
C LEU C 154 0.37 -24.11 -23.13
N LYS C 155 1.55 -23.52 -23.39
CA LYS C 155 2.62 -24.09 -24.22
C LYS C 155 3.99 -23.66 -23.69
N THR C 156 5.03 -24.51 -23.87
CA THR C 156 6.42 -24.20 -23.50
C THR C 156 7.33 -24.52 -24.70
N ASP C 157 8.23 -23.58 -25.05
CA ASP C 157 9.16 -23.78 -26.17
C ASP C 157 10.23 -24.85 -25.86
N THR C 158 10.62 -25.00 -24.57
CA THR C 158 11.59 -25.95 -24.03
C THR C 158 11.15 -26.45 -22.63
N ASP C 159 11.81 -27.49 -22.12
CA ASP C 159 11.52 -28.05 -20.80
C ASP C 159 12.68 -27.82 -19.85
N GLN C 160 13.65 -27.00 -20.29
CA GLN C 160 14.83 -26.61 -19.53
C GLN C 160 14.73 -25.14 -19.12
N VAL C 161 14.49 -24.91 -17.82
CA VAL C 161 14.37 -23.59 -17.22
C VAL C 161 15.70 -22.84 -17.44
N ASP C 162 15.67 -21.58 -17.93
CA ASP C 162 16.85 -20.75 -18.22
C ASP C 162 17.67 -20.47 -16.95
N LEU C 163 18.88 -21.01 -16.88
CA LEU C 163 19.74 -20.82 -15.71
C LEU C 163 20.98 -19.97 -16.02
N SER C 164 20.98 -19.30 -17.19
CA SER C 164 22.08 -18.43 -17.66
C SER C 164 22.25 -17.18 -16.78
N SER C 165 21.25 -16.86 -15.93
CA SER C 165 21.29 -15.67 -15.07
C SER C 165 21.19 -16.04 -13.58
N TYR C 166 21.45 -17.33 -13.21
CA TYR C 166 21.41 -17.77 -11.81
C TYR C 166 22.63 -17.20 -11.05
N TYR C 167 22.39 -16.65 -9.84
CA TYR C 167 23.39 -16.01 -8.99
C TYR C 167 24.47 -17.01 -8.56
N ALA C 168 25.70 -16.75 -9.02
CA ALA C 168 26.89 -17.56 -8.81
C ALA C 168 27.26 -17.80 -7.35
N SER C 169 27.11 -16.80 -6.47
CA SER C 169 27.46 -16.93 -5.05
C SER C 169 26.22 -17.15 -4.16
N SER C 170 25.15 -17.76 -4.70
CA SER C 170 23.94 -18.11 -3.93
C SER C 170 24.30 -19.16 -2.87
N LYS C 171 23.59 -19.17 -1.72
CA LYS C 171 23.84 -20.16 -0.67
C LYS C 171 23.42 -21.57 -1.11
N TYR C 172 22.72 -21.70 -2.27
CA TYR C 172 22.19 -22.98 -2.77
C TYR C 172 22.53 -23.22 -4.24
N GLU C 173 23.12 -24.40 -4.54
CA GLU C 173 23.52 -24.87 -5.89
C GLU C 173 22.34 -25.52 -6.64
N ILE C 174 22.13 -25.20 -7.96
CA ILE C 174 21.03 -25.83 -8.71
C ILE C 174 21.50 -27.12 -9.37
N LEU C 175 20.84 -28.26 -9.02
CA LEU C 175 21.16 -29.59 -9.57
C LEU C 175 20.30 -29.94 -10.81
N SER C 176 19.08 -29.37 -10.94
CA SER C 176 18.14 -29.57 -12.06
C SER C 176 16.97 -28.56 -11.99
N ALA C 177 16.46 -28.13 -13.15
CA ALA C 177 15.32 -27.20 -13.23
C ALA C 177 14.49 -27.44 -14.52
N THR C 178 13.26 -27.95 -14.35
CA THR C 178 12.39 -28.28 -15.49
C THR C 178 11.03 -27.54 -15.48
N GLN C 179 10.46 -27.30 -16.69
CA GLN C 179 9.14 -26.69 -16.90
C GLN C 179 8.33 -27.60 -17.86
N THR C 180 7.40 -28.40 -17.29
CA THR C 180 6.56 -29.35 -18.03
C THR C 180 5.05 -28.99 -17.94
N ARG C 181 4.34 -29.09 -19.08
CA ARG C 181 2.89 -28.83 -19.12
C ARG C 181 2.11 -30.01 -18.57
N GLN C 182 1.01 -29.75 -17.83
CA GLN C 182 0.19 -30.86 -17.36
C GLN C 182 -1.30 -30.46 -17.31
N VAL C 183 -2.17 -31.49 -17.34
CA VAL C 183 -3.63 -31.37 -17.30
C VAL C 183 -4.14 -31.84 -15.93
N GLN C 184 -5.16 -31.16 -15.40
CA GLN C 184 -5.77 -31.47 -14.11
C GLN C 184 -7.26 -31.67 -14.26
N HIS C 185 -7.83 -32.46 -13.37
CA HIS C 185 -9.27 -32.68 -13.31
C HIS C 185 -9.70 -32.41 -11.88
N TYR C 186 -10.58 -31.41 -11.68
CA TYR C 186 -11.06 -31.01 -10.35
C TYR C 186 -12.48 -31.49 -10.15
N SER C 187 -12.81 -31.88 -8.89
CA SER C 187 -14.12 -32.41 -8.50
C SER C 187 -15.29 -31.44 -8.81
N CYS C 188 -15.08 -30.14 -8.51
CA CYS C 188 -16.02 -29.02 -8.69
C CYS C 188 -16.56 -28.87 -10.09
N CYS C 189 -15.67 -29.07 -11.07
CA CYS C 189 -15.84 -28.59 -12.40
C CYS C 189 -15.67 -29.68 -13.49
N PRO C 190 -16.62 -29.72 -14.46
CA PRO C 190 -16.59 -30.76 -15.50
C PRO C 190 -15.57 -30.58 -16.63
N GLU C 191 -14.84 -29.46 -16.64
CA GLU C 191 -13.86 -29.16 -17.69
C GLU C 191 -12.43 -29.41 -17.19
N PRO C 192 -11.46 -29.78 -18.09
CA PRO C 192 -10.07 -29.90 -17.64
C PRO C 192 -9.44 -28.51 -17.48
N TYR C 193 -8.42 -28.44 -16.63
CA TYR C 193 -7.69 -27.20 -16.38
C TYR C 193 -6.20 -27.45 -16.67
N ILE C 194 -5.55 -26.55 -17.43
CA ILE C 194 -4.16 -26.73 -17.83
C ILE C 194 -3.19 -25.88 -16.93
N ASP C 195 -2.00 -26.46 -16.66
CA ASP C 195 -0.96 -25.85 -15.85
C ASP C 195 0.46 -26.17 -16.39
N VAL C 196 1.46 -25.45 -15.87
CA VAL C 196 2.86 -25.67 -16.16
C VAL C 196 3.52 -25.88 -14.79
N ASN C 197 4.10 -27.08 -14.60
CA ASN C 197 4.71 -27.51 -13.35
C ASN C 197 6.24 -27.29 -13.34
N LEU C 198 6.70 -26.36 -12.46
CA LEU C 198 8.10 -25.98 -12.24
C LEU C 198 8.71 -26.88 -11.13
N VAL C 199 9.67 -27.78 -11.51
CA VAL C 199 10.34 -28.73 -10.59
C VAL C 199 11.85 -28.40 -10.48
N VAL C 200 12.34 -28.14 -9.25
CA VAL C 200 13.72 -27.75 -8.99
C VAL C 200 14.38 -28.69 -7.94
N LYS C 201 15.61 -29.20 -8.23
CA LYS C 201 16.45 -29.99 -7.31
C LYS C 201 17.69 -29.13 -6.96
N PHE C 202 17.96 -28.96 -5.66
CA PHE C 202 19.04 -28.11 -5.15
C PHE C 202 19.66 -28.63 -3.83
N ARG C 203 20.75 -27.99 -3.38
CA ARG C 203 21.52 -28.30 -2.14
C ARG C 203 22.37 -27.11 -1.69
N GLU C 204 22.91 -27.15 -0.44
CA GLU C 204 23.76 -26.10 0.11
C GLU C 204 25.11 -26.06 -0.60
N ARG C 205 25.65 -24.83 -0.84
CA ARG C 205 26.92 -24.54 -1.53
C ARG C 205 28.10 -24.97 -0.66
N GLN D 1 -17.17 -11.75 -31.04
CA GLN D 1 -16.90 -11.11 -29.74
C GLN D 1 -17.87 -9.95 -29.53
N ALA D 2 -18.47 -9.43 -30.64
CA ALA D 2 -19.41 -8.32 -30.71
C ALA D 2 -20.63 -8.52 -29.82
N ASN D 3 -21.15 -9.76 -29.74
CA ASN D 3 -22.32 -10.10 -28.93
C ASN D 3 -22.02 -9.98 -27.44
N LEU D 4 -20.89 -10.56 -26.98
CA LEU D 4 -20.49 -10.50 -25.56
C LEU D 4 -20.24 -9.05 -25.12
N MET D 5 -19.59 -8.25 -26.01
CA MET D 5 -19.29 -6.83 -25.78
C MET D 5 -20.58 -6.03 -25.61
N ARG D 6 -21.63 -6.38 -26.42
CA ARG D 6 -22.96 -5.77 -26.42
C ARG D 6 -23.72 -6.10 -25.12
N LEU D 7 -23.75 -7.39 -24.72
CA LEU D 7 -24.40 -7.86 -23.49
C LEU D 7 -23.84 -7.15 -22.26
N LYS D 8 -22.49 -7.08 -22.18
CA LYS D 8 -21.76 -6.42 -21.09
C LYS D 8 -22.10 -4.93 -21.03
N SER D 9 -22.19 -4.26 -22.21
CA SER D 9 -22.54 -2.84 -22.35
C SER D 9 -23.96 -2.57 -21.85
N ASP D 10 -24.91 -3.44 -22.22
CA ASP D 10 -26.32 -3.33 -21.85
C ASP D 10 -26.52 -3.56 -20.34
N LEU D 11 -25.79 -4.52 -19.75
CA LEU D 11 -25.93 -4.85 -18.34
C LEU D 11 -25.34 -3.77 -17.42
N PHE D 12 -24.08 -3.37 -17.64
CA PHE D 12 -23.37 -2.47 -16.75
C PHE D 12 -23.44 -0.97 -17.08
N ASN D 13 -23.51 -0.59 -18.36
CA ASN D 13 -23.47 0.85 -18.71
C ASN D 13 -24.86 1.50 -18.85
N ARG D 14 -25.87 0.77 -19.36
CA ARG D 14 -27.22 1.31 -19.57
C ARG D 14 -27.98 1.56 -18.23
N SER D 15 -28.20 0.49 -17.45
CA SER D 15 -28.94 0.48 -16.20
C SER D 15 -28.16 1.16 -15.02
N PRO D 16 -28.83 1.65 -13.93
CA PRO D 16 -28.07 2.24 -12.82
C PRO D 16 -27.55 1.18 -11.83
N MET D 17 -26.73 1.63 -10.85
CA MET D 17 -26.07 0.78 -9.85
C MET D 17 -27.05 0.11 -8.84
N TYR D 18 -26.80 -1.19 -8.56
CA TYR D 18 -27.57 -1.99 -7.61
C TYR D 18 -27.24 -1.50 -6.17
N PRO D 19 -28.26 -1.07 -5.39
CA PRO D 19 -27.98 -0.51 -4.06
C PRO D 19 -27.89 -1.50 -2.88
N GLY D 20 -27.60 -2.78 -3.17
CA GLY D 20 -27.46 -3.79 -2.14
C GLY D 20 -28.80 -4.33 -1.63
N PRO D 21 -28.82 -5.56 -1.03
CA PRO D 21 -30.09 -6.13 -0.53
C PRO D 21 -30.70 -5.34 0.63
N THR D 22 -32.05 -5.40 0.76
CA THR D 22 -32.82 -4.69 1.79
C THR D 22 -33.69 -5.64 2.64
N LYS D 23 -34.51 -5.08 3.55
CA LYS D 23 -35.44 -5.84 4.38
C LYS D 23 -36.63 -6.30 3.54
N ASP D 24 -37.00 -5.50 2.52
CA ASP D 24 -38.10 -5.79 1.59
C ASP D 24 -37.66 -6.76 0.50
N ASP D 25 -36.44 -6.59 -0.05
CA ASP D 25 -35.91 -7.46 -1.11
C ASP D 25 -34.58 -8.07 -0.63
N PRO D 26 -34.62 -9.13 0.23
CA PRO D 26 -33.36 -9.68 0.77
C PRO D 26 -32.74 -10.76 -0.10
N LEU D 27 -31.50 -11.26 0.25
CA LEU D 27 -30.82 -12.35 -0.47
C LEU D 27 -30.08 -13.36 0.47
N THR D 28 -29.69 -14.54 -0.10
CA THR D 28 -28.98 -15.59 0.62
C THR D 28 -27.66 -15.93 -0.08
N VAL D 29 -26.57 -16.08 0.70
CA VAL D 29 -25.24 -16.40 0.19
C VAL D 29 -24.83 -17.79 0.68
N THR D 30 -24.34 -18.65 -0.25
CA THR D 30 -23.86 -19.99 0.08
C THR D 30 -22.36 -19.94 0.27
N LEU D 31 -21.86 -20.51 1.38
CA LEU D 31 -20.43 -20.53 1.74
C LEU D 31 -19.86 -21.96 1.79
N GLY D 32 -18.56 -22.07 1.52
CA GLY D 32 -17.83 -23.33 1.51
C GLY D 32 -16.33 -23.12 1.62
N PHE D 33 -15.64 -23.97 2.41
CA PHE D 33 -14.21 -23.83 2.61
C PHE D 33 -13.38 -25.03 2.14
N THR D 34 -12.21 -24.72 1.54
CA THR D 34 -11.19 -25.67 1.10
C THR D 34 -9.91 -25.32 1.87
N LEU D 35 -9.54 -26.13 2.88
CA LEU D 35 -8.36 -25.88 3.69
C LEU D 35 -7.12 -26.44 3.00
N GLN D 36 -6.10 -25.57 2.85
CA GLN D 36 -4.84 -25.87 2.17
C GLN D 36 -3.65 -26.10 3.12
N ASP D 37 -3.51 -25.28 4.22
CA ASP D 37 -2.41 -25.42 5.17
C ASP D 37 -2.56 -24.58 6.44
N ILE D 38 -1.99 -25.08 7.55
CA ILE D 38 -1.77 -24.41 8.84
C ILE D 38 -0.29 -24.05 8.78
N VAL D 39 0.05 -22.78 8.46
CA VAL D 39 1.44 -22.39 8.24
C VAL D 39 2.24 -22.25 9.55
N LYS D 40 1.72 -21.55 10.59
CA LYS D 40 2.43 -21.42 11.87
C LYS D 40 1.51 -21.18 13.07
N VAL D 41 1.99 -21.56 14.28
CA VAL D 41 1.27 -21.31 15.54
C VAL D 41 2.19 -20.49 16.48
N ASP D 42 1.67 -19.41 17.09
CA ASP D 42 2.46 -18.58 17.99
C ASP D 42 1.92 -18.72 19.42
N SER D 43 2.61 -19.54 20.22
CA SER D 43 2.26 -19.87 21.60
C SER D 43 2.39 -18.68 22.55
N SER D 44 3.21 -17.68 22.20
CA SER D 44 3.46 -16.51 23.04
C SER D 44 2.38 -15.40 22.91
N THR D 45 1.59 -15.40 21.80
CA THR D 45 0.53 -14.40 21.58
C THR D 45 -0.83 -15.07 21.31
N ASN D 46 -0.85 -16.40 21.16
CA ASN D 46 -2.03 -17.23 20.86
C ASN D 46 -2.66 -16.77 19.53
N GLU D 47 -1.85 -16.81 18.45
CA GLU D 47 -2.23 -16.45 17.08
C GLU D 47 -1.92 -17.62 16.14
N VAL D 48 -2.84 -17.95 15.21
CA VAL D 48 -2.65 -19.06 14.26
C VAL D 48 -2.93 -18.55 12.82
N ASP D 49 -2.07 -18.95 11.87
CA ASP D 49 -2.17 -18.59 10.45
C ASP D 49 -2.75 -19.73 9.60
N LEU D 50 -3.75 -19.40 8.73
CA LEU D 50 -4.46 -20.32 7.80
C LEU D 50 -4.41 -19.86 6.34
N VAL D 51 -4.17 -20.81 5.41
CA VAL D 51 -4.15 -20.57 3.94
C VAL D 51 -5.27 -21.45 3.39
N TYR D 52 -6.22 -20.84 2.64
CA TYR D 52 -7.41 -21.50 2.13
C TYR D 52 -8.05 -20.72 0.99
N TYR D 53 -9.17 -21.25 0.43
CA TYR D 53 -9.98 -20.52 -0.53
C TYR D 53 -11.48 -20.79 -0.28
N GLU D 54 -12.25 -19.70 -0.29
CA GLU D 54 -13.69 -19.62 -0.02
C GLU D 54 -14.57 -19.75 -1.28
N GLN D 55 -15.76 -20.35 -1.14
CA GLN D 55 -16.74 -20.45 -2.21
C GLN D 55 -17.91 -19.52 -1.90
N GLN D 56 -18.21 -18.58 -2.82
CA GLN D 56 -19.30 -17.60 -2.64
C GLN D 56 -20.30 -17.73 -3.79
N ARG D 57 -21.61 -17.92 -3.47
CA ARG D 57 -22.69 -18.04 -4.44
C ARG D 57 -23.91 -17.21 -4.04
N TRP D 58 -24.43 -16.40 -4.98
CA TRP D 58 -25.66 -15.60 -4.82
C TRP D 58 -26.33 -15.37 -6.18
N LYS D 59 -27.61 -14.95 -6.19
CA LYS D 59 -28.36 -14.71 -7.42
C LYS D 59 -29.07 -13.36 -7.37
N LEU D 60 -29.06 -12.62 -8.50
CA LEU D 60 -29.72 -11.31 -8.65
C LEU D 60 -30.57 -11.26 -9.90
N ASN D 61 -31.76 -10.64 -9.83
CA ASN D 61 -32.67 -10.53 -10.98
C ASN D 61 -32.16 -9.48 -11.96
N SER D 62 -31.39 -8.51 -11.46
CA SER D 62 -30.80 -7.42 -12.24
C SER D 62 -29.67 -7.92 -13.15
N LEU D 63 -29.23 -9.17 -13.00
CA LEU D 63 -28.13 -9.76 -13.77
C LEU D 63 -28.53 -10.87 -14.76
N MET D 64 -29.85 -11.17 -14.90
CA MET D 64 -30.25 -12.22 -15.83
C MET D 64 -30.58 -11.67 -17.24
N TRP D 65 -30.48 -12.56 -18.28
CA TRP D 65 -30.74 -12.24 -19.68
C TRP D 65 -31.24 -13.47 -20.49
N ASP D 66 -31.76 -13.22 -21.71
CA ASP D 66 -32.19 -14.28 -22.62
C ASP D 66 -31.02 -14.62 -23.55
N PRO D 67 -30.47 -15.86 -23.49
CA PRO D 67 -29.31 -16.20 -24.33
C PRO D 67 -29.59 -16.10 -25.83
N ASN D 68 -30.82 -16.41 -26.25
CA ASN D 68 -31.27 -16.37 -27.63
C ASN D 68 -31.09 -14.97 -28.26
N GLU D 69 -31.33 -13.91 -27.48
CA GLU D 69 -31.21 -12.54 -27.97
C GLU D 69 -29.75 -12.06 -28.07
N TYR D 70 -28.81 -12.74 -27.42
CA TYR D 70 -27.40 -12.36 -27.45
C TYR D 70 -26.51 -13.49 -28.02
N GLY D 71 -26.93 -14.07 -29.13
CA GLY D 71 -26.20 -15.12 -29.84
C GLY D 71 -25.85 -16.37 -29.04
N ASN D 72 -26.84 -16.90 -28.28
CA ASN D 72 -26.78 -18.11 -27.44
C ASN D 72 -25.58 -18.11 -26.46
N ILE D 73 -25.45 -17.03 -25.65
CA ILE D 73 -24.42 -16.90 -24.62
C ILE D 73 -25.08 -17.24 -23.28
N THR D 74 -24.54 -18.27 -22.61
CA THR D 74 -25.08 -18.74 -21.33
C THR D 74 -24.36 -18.12 -20.11
N ASP D 75 -23.05 -17.85 -20.23
CA ASP D 75 -22.25 -17.28 -19.13
C ASP D 75 -21.01 -16.52 -19.62
N PHE D 76 -20.33 -15.81 -18.69
CA PHE D 76 -19.10 -15.04 -18.94
C PHE D 76 -18.33 -14.73 -17.63
N ARG D 77 -17.01 -14.48 -17.77
CA ARG D 77 -16.11 -14.10 -16.67
C ARG D 77 -16.03 -12.56 -16.64
N THR D 78 -15.99 -11.98 -15.43
CA THR D 78 -15.91 -10.52 -15.26
C THR D 78 -15.16 -10.17 -13.96
N SER D 79 -14.48 -9.00 -13.96
CA SER D 79 -13.76 -8.52 -12.79
C SER D 79 -14.76 -8.24 -11.68
N ALA D 80 -14.40 -8.63 -10.44
CA ALA D 80 -15.24 -8.46 -9.25
C ALA D 80 -15.53 -6.97 -8.97
N ALA D 81 -14.77 -6.08 -9.62
CA ALA D 81 -14.91 -4.63 -9.53
C ALA D 81 -16.18 -4.16 -10.21
N ASP D 82 -16.63 -4.89 -11.25
CA ASP D 82 -17.82 -4.56 -12.05
C ASP D 82 -19.15 -4.92 -11.38
N ILE D 83 -19.13 -5.85 -10.42
CA ILE D 83 -20.36 -6.33 -9.78
C ILE D 83 -20.38 -6.12 -8.24
N TRP D 84 -21.60 -6.22 -7.64
CA TRP D 84 -21.80 -6.13 -6.18
C TRP D 84 -21.29 -7.41 -5.55
N THR D 85 -20.62 -7.30 -4.38
CA THR D 85 -20.10 -8.48 -3.66
C THR D 85 -20.46 -8.42 -2.15
N PRO D 86 -20.76 -9.58 -1.51
CA PRO D 86 -21.08 -9.55 -0.07
C PRO D 86 -19.85 -9.23 0.81
N ASP D 87 -20.09 -8.51 1.96
CA ASP D 87 -19.08 -8.04 2.93
C ASP D 87 -18.80 -9.08 4.07
N ILE D 88 -18.39 -10.30 3.66
CA ILE D 88 -18.07 -11.41 4.55
C ILE D 88 -16.73 -11.14 5.27
N THR D 89 -16.74 -11.12 6.62
CA THR D 89 -15.56 -10.85 7.44
C THR D 89 -15.40 -11.90 8.55
N ALA D 90 -14.17 -12.05 9.10
CA ALA D 90 -13.84 -12.95 10.21
C ALA D 90 -13.87 -12.17 11.53
N TYR D 91 -14.63 -12.66 12.54
CA TYR D 91 -14.81 -11.95 13.80
C TYR D 91 -13.53 -11.86 14.69
N SER D 92 -12.74 -12.97 14.80
CA SER D 92 -11.56 -13.02 15.67
C SER D 92 -10.19 -12.78 14.96
N SER D 93 -10.15 -12.02 13.84
CA SER D 93 -8.86 -11.74 13.15
C SER D 93 -7.98 -10.80 13.95
N THR D 94 -6.64 -10.89 13.79
CA THR D 94 -5.71 -10.01 14.54
C THR D 94 -4.87 -9.13 13.62
N ARG D 95 -4.90 -9.38 12.30
CA ARG D 95 -4.19 -8.63 11.25
C ARG D 95 -5.04 -8.60 9.96
N PRO D 96 -4.93 -7.58 9.09
CA PRO D 96 -5.76 -7.59 7.85
C PRO D 96 -5.48 -8.78 6.92
N VAL D 97 -6.55 -9.39 6.40
CA VAL D 97 -6.47 -10.55 5.50
C VAL D 97 -5.70 -10.20 4.20
N GLN D 98 -4.80 -11.12 3.78
CA GLN D 98 -3.99 -11.02 2.57
C GLN D 98 -4.65 -11.79 1.42
N VAL D 99 -4.84 -11.16 0.24
CA VAL D 99 -5.43 -11.83 -0.94
C VAL D 99 -4.32 -12.54 -1.73
N LEU D 100 -4.57 -13.78 -2.16
CA LEU D 100 -3.56 -14.56 -2.87
C LEU D 100 -4.01 -15.04 -4.29
N SER D 101 -5.17 -14.55 -4.80
CA SER D 101 -5.71 -14.95 -6.12
C SER D 101 -6.33 -13.77 -6.89
N PRO D 102 -6.46 -13.85 -8.24
CA PRO D 102 -7.12 -12.77 -8.99
C PRO D 102 -8.60 -12.59 -8.60
N GLN D 103 -9.11 -11.35 -8.70
CA GLN D 103 -10.48 -11.00 -8.32
C GLN D 103 -11.42 -11.02 -9.53
N ILE D 104 -11.70 -12.23 -10.06
CA ILE D 104 -12.59 -12.44 -11.21
C ILE D 104 -13.71 -13.41 -10.77
N ALA D 105 -14.97 -13.12 -11.20
CA ALA D 105 -16.16 -13.93 -10.91
C ALA D 105 -16.86 -14.35 -12.22
N VAL D 106 -17.75 -15.37 -12.16
CA VAL D 106 -18.48 -15.88 -13.33
C VAL D 106 -19.97 -15.61 -13.18
N VAL D 107 -20.61 -15.08 -14.25
CA VAL D 107 -22.05 -14.73 -14.26
C VAL D 107 -22.79 -15.59 -15.30
N THR D 108 -23.89 -16.26 -14.88
CA THR D 108 -24.74 -17.09 -15.77
C THR D 108 -26.04 -16.34 -16.11
N HIS D 109 -26.68 -16.72 -17.24
CA HIS D 109 -27.88 -16.07 -17.79
C HIS D 109 -29.10 -16.05 -16.85
N ASP D 110 -29.11 -16.84 -15.77
CA ASP D 110 -30.24 -16.86 -14.83
C ASP D 110 -30.05 -15.85 -13.71
N GLY D 111 -28.87 -15.23 -13.65
CA GLY D 111 -28.52 -14.22 -12.65
C GLY D 111 -27.65 -14.71 -11.51
N SER D 112 -27.18 -15.97 -11.57
CA SER D 112 -26.31 -16.57 -10.57
C SER D 112 -24.87 -16.08 -10.68
N VAL D 113 -24.22 -15.83 -9.53
CA VAL D 113 -22.82 -15.37 -9.46
C VAL D 113 -22.00 -16.36 -8.60
N MET D 114 -20.78 -16.68 -9.07
CA MET D 114 -19.82 -17.55 -8.38
C MET D 114 -18.48 -16.82 -8.27
N PHE D 115 -17.95 -16.72 -7.04
CA PHE D 115 -16.68 -16.06 -6.74
C PHE D 115 -15.85 -16.92 -5.78
N ILE D 116 -14.59 -17.25 -6.16
CA ILE D 116 -13.70 -18.13 -5.37
C ILE D 116 -12.38 -17.38 -4.95
N PRO D 117 -12.39 -16.61 -3.84
CA PRO D 117 -11.16 -15.90 -3.43
C PRO D 117 -10.21 -16.72 -2.51
N ALA D 118 -8.88 -16.74 -2.84
CA ALA D 118 -7.83 -17.42 -2.06
C ALA D 118 -7.17 -16.44 -1.12
N GLN D 119 -6.98 -16.82 0.17
CA GLN D 119 -6.42 -15.88 1.15
C GLN D 119 -5.68 -16.52 2.35
N ARG D 120 -4.89 -15.68 3.07
CA ARG D 120 -4.13 -15.98 4.29
C ARG D 120 -4.76 -15.20 5.45
N LEU D 121 -5.04 -15.88 6.60
CA LEU D 121 -5.69 -15.26 7.76
C LEU D 121 -4.98 -15.59 9.10
N SER D 122 -4.84 -14.57 9.99
CA SER D 122 -4.30 -14.67 11.36
C SER D 122 -5.41 -14.42 12.37
N PHE D 123 -5.69 -15.41 13.25
CA PHE D 123 -6.77 -15.27 14.23
C PHE D 123 -6.39 -15.80 15.62
N MET D 124 -7.23 -15.45 16.63
CA MET D 124 -7.09 -15.83 18.05
C MET D 124 -7.36 -17.34 18.23
N CYS D 125 -6.37 -18.06 18.81
CA CYS D 125 -6.39 -19.52 19.05
C CYS D 125 -5.25 -19.94 20.02
N ASP D 126 -5.59 -20.62 21.15
CA ASP D 126 -4.61 -21.13 22.12
C ASP D 126 -4.10 -22.50 21.64
N PRO D 127 -2.79 -22.66 21.34
CA PRO D 127 -2.29 -23.93 20.79
C PRO D 127 -1.80 -24.95 21.82
N THR D 128 -2.05 -24.71 23.12
CA THR D 128 -1.60 -25.58 24.21
C THR D 128 -2.12 -27.01 24.03
N GLY D 129 -1.19 -27.96 23.90
CA GLY D 129 -1.49 -29.36 23.72
C GLY D 129 -1.48 -29.86 22.29
N VAL D 130 -0.85 -29.09 21.37
CA VAL D 130 -0.73 -29.48 19.97
C VAL D 130 0.30 -30.63 19.84
N ASP D 131 1.26 -30.67 20.78
CA ASP D 131 2.34 -31.66 20.89
C ASP D 131 1.84 -33.01 21.44
N SER D 132 0.58 -33.06 21.95
CA SER D 132 -0.04 -34.27 22.51
C SER D 132 -0.62 -35.14 21.40
N GLU D 133 -0.97 -36.40 21.75
CA GLU D 133 -1.56 -37.37 20.81
C GLU D 133 -3.03 -37.00 20.50
N GLU D 134 -3.74 -36.44 21.50
CA GLU D 134 -5.14 -36.03 21.40
C GLU D 134 -5.31 -34.76 20.54
N GLY D 135 -4.32 -33.86 20.55
CA GLY D 135 -4.34 -32.61 19.80
C GLY D 135 -5.14 -31.48 20.44
N VAL D 136 -5.20 -30.32 19.76
CA VAL D 136 -5.90 -29.10 20.20
C VAL D 136 -6.98 -28.66 19.13
N THR D 137 -8.07 -28.02 19.61
CA THR D 137 -9.19 -27.56 18.77
C THR D 137 -9.35 -26.04 18.86
N CYS D 138 -9.64 -25.40 17.71
CA CYS D 138 -9.85 -23.95 17.59
C CYS D 138 -10.99 -23.64 16.62
N ALA D 139 -11.57 -22.43 16.71
CA ALA D 139 -12.68 -22.02 15.84
C ALA D 139 -12.62 -20.54 15.46
N VAL D 140 -13.29 -20.17 14.34
CA VAL D 140 -13.40 -18.81 13.80
C VAL D 140 -14.73 -18.66 13.01
N LYS D 141 -15.47 -17.55 13.27
CA LYS D 141 -16.77 -17.24 12.64
C LYS D 141 -16.65 -16.28 11.45
N PHE D 142 -17.42 -16.54 10.38
CA PHE D 142 -17.46 -15.71 9.18
C PHE D 142 -18.88 -15.22 8.92
N GLY D 143 -19.02 -13.98 8.47
CA GLY D 143 -20.32 -13.38 8.16
C GLY D 143 -20.28 -11.90 7.82
N SER D 144 -21.39 -11.36 7.27
CA SER D 144 -21.51 -9.94 6.91
C SER D 144 -21.48 -9.04 8.18
N TRP D 145 -20.54 -8.08 8.19
CA TRP D 145 -20.27 -7.12 9.28
C TRP D 145 -21.44 -6.14 9.52
N VAL D 146 -21.98 -5.51 8.44
CA VAL D 146 -23.01 -4.46 8.52
C VAL D 146 -24.48 -4.92 8.32
N TYR D 147 -24.72 -6.01 7.57
CA TYR D 147 -26.08 -6.48 7.28
C TYR D 147 -26.60 -7.48 8.30
N SER D 148 -27.89 -7.34 8.69
CA SER D 148 -28.53 -8.22 9.67
C SER D 148 -29.12 -9.48 8.98
N GLY D 149 -29.90 -10.24 9.74
CA GLY D 149 -30.54 -11.47 9.25
C GLY D 149 -31.66 -11.21 8.26
N PHE D 150 -32.44 -10.16 8.51
CA PHE D 150 -33.57 -9.76 7.66
C PHE D 150 -33.12 -9.18 6.31
N GLU D 151 -31.80 -9.03 6.11
CA GLU D 151 -31.20 -8.49 4.88
C GLU D 151 -30.46 -9.58 4.13
N ILE D 152 -29.47 -10.22 4.79
CA ILE D 152 -28.64 -11.28 4.22
C ILE D 152 -28.72 -12.54 5.09
N ASP D 153 -28.94 -13.72 4.46
CA ASP D 153 -28.96 -15.04 5.12
C ASP D 153 -27.81 -15.90 4.57
N LEU D 154 -27.37 -16.93 5.32
CA LEU D 154 -26.27 -17.79 4.89
C LEU D 154 -26.70 -19.25 4.82
N LYS D 155 -26.03 -20.06 3.98
CA LYS D 155 -26.33 -21.47 3.71
C LYS D 155 -25.02 -22.25 3.42
N THR D 156 -24.98 -23.56 3.73
CA THR D 156 -23.84 -24.43 3.43
C THR D 156 -24.35 -25.71 2.78
N ASP D 157 -23.73 -26.15 1.66
CA ASP D 157 -24.14 -27.38 0.97
C ASP D 157 -23.77 -28.64 1.77
N THR D 158 -22.70 -28.57 2.57
CA THR D 158 -22.23 -29.67 3.42
C THR D 158 -21.72 -29.12 4.78
N ASP D 159 -21.48 -30.02 5.74
CA ASP D 159 -20.95 -29.68 7.06
C ASP D 159 -19.47 -29.96 7.15
N GLN D 160 -18.95 -30.84 6.26
CA GLN D 160 -17.55 -31.25 6.22
C GLN D 160 -16.72 -30.29 5.39
N VAL D 161 -15.53 -29.91 5.88
CA VAL D 161 -14.65 -28.99 5.17
C VAL D 161 -13.92 -29.77 4.04
N ASP D 162 -13.65 -29.13 2.89
CA ASP D 162 -12.92 -29.82 1.80
C ASP D 162 -11.42 -29.92 2.15
N LEU D 163 -10.93 -31.15 2.39
CA LEU D 163 -9.53 -31.36 2.74
C LEU D 163 -8.77 -32.07 1.63
N SER D 164 -9.36 -32.17 0.42
CA SER D 164 -8.77 -32.86 -0.74
C SER D 164 -7.53 -32.14 -1.29
N SER D 165 -7.27 -30.88 -0.84
CA SER D 165 -6.10 -30.11 -1.30
C SER D 165 -5.19 -29.68 -0.14
N TYR D 166 -5.32 -30.35 1.04
CA TYR D 166 -4.48 -30.03 2.20
C TYR D 166 -3.03 -30.51 1.95
N TYR D 167 -2.04 -29.62 2.24
CA TYR D 167 -0.60 -29.83 2.04
C TYR D 167 -0.11 -31.05 2.82
N ALA D 168 0.32 -32.08 2.07
CA ALA D 168 0.77 -33.38 2.54
C ALA D 168 1.93 -33.34 3.54
N SER D 169 2.92 -32.43 3.34
CA SER D 169 4.08 -32.35 4.22
C SER D 169 3.96 -31.20 5.22
N SER D 170 2.72 -30.78 5.60
CA SER D 170 2.51 -29.72 6.59
C SER D 170 3.02 -30.17 7.95
N LYS D 171 3.49 -29.22 8.79
CA LYS D 171 4.00 -29.54 10.13
C LYS D 171 2.87 -29.99 11.08
N TYR D 172 1.59 -29.83 10.64
CA TYR D 172 0.39 -30.15 11.43
C TYR D 172 -0.61 -31.01 10.68
N GLU D 173 -1.08 -32.08 11.36
CA GLU D 173 -2.04 -33.12 10.96
C GLU D 173 -3.51 -32.71 11.33
N ILE D 174 -4.49 -32.79 10.38
CA ILE D 174 -5.90 -32.41 10.66
C ILE D 174 -6.68 -33.61 11.17
N LEU D 175 -7.21 -33.51 12.40
CA LEU D 175 -8.00 -34.58 13.00
C LEU D 175 -9.46 -34.45 12.59
N SER D 176 -10.03 -33.24 12.68
CA SER D 176 -11.41 -32.97 12.23
C SER D 176 -11.54 -31.51 11.78
N ALA D 177 -12.53 -31.22 10.92
CA ALA D 177 -12.81 -29.88 10.37
C ALA D 177 -14.28 -29.79 9.90
N THR D 178 -15.05 -28.84 10.47
CA THR D 178 -16.45 -28.65 10.11
C THR D 178 -16.82 -27.17 9.87
N GLN D 179 -17.87 -26.96 9.05
CA GLN D 179 -18.51 -25.68 8.69
C GLN D 179 -20.00 -25.80 9.08
N THR D 180 -20.46 -24.99 10.07
CA THR D 180 -21.84 -25.07 10.58
C THR D 180 -22.46 -23.68 10.78
N ARG D 181 -23.71 -23.52 10.29
CA ARG D 181 -24.45 -22.26 10.37
C ARG D 181 -24.93 -21.99 11.79
N GLN D 182 -24.91 -20.70 12.20
CA GLN D 182 -25.35 -20.18 13.49
C GLN D 182 -26.15 -18.87 13.31
N VAL D 183 -27.01 -18.56 14.31
CA VAL D 183 -27.87 -17.36 14.43
C VAL D 183 -27.61 -16.79 15.83
N GLN D 184 -27.06 -15.57 15.92
CA GLN D 184 -26.67 -14.96 17.20
C GLN D 184 -27.38 -13.63 17.49
N HIS D 185 -27.43 -13.26 18.78
CA HIS D 185 -27.98 -11.98 19.25
C HIS D 185 -26.90 -11.25 20.04
N TYR D 186 -26.56 -10.03 19.60
CA TYR D 186 -25.54 -9.20 20.24
C TYR D 186 -26.23 -8.10 21.06
N SER D 187 -25.70 -7.80 22.27
CA SER D 187 -26.21 -6.84 23.26
C SER D 187 -26.61 -5.46 22.68
N CYS D 188 -25.76 -4.93 21.76
CA CYS D 188 -25.87 -3.66 21.04
C CYS D 188 -27.16 -3.52 20.27
N CYS D 189 -27.57 -4.61 19.64
CA CYS D 189 -28.52 -4.58 18.56
C CYS D 189 -29.72 -5.55 18.73
N PRO D 190 -30.95 -5.04 18.47
CA PRO D 190 -32.17 -5.88 18.62
C PRO D 190 -32.45 -6.91 17.51
N GLU D 191 -31.68 -6.92 16.41
CA GLU D 191 -31.91 -7.87 15.31
C GLU D 191 -30.92 -9.05 15.38
N PRO D 192 -31.25 -10.25 14.86
CA PRO D 192 -30.29 -11.36 14.91
C PRO D 192 -29.30 -11.27 13.75
N TYR D 193 -28.11 -11.89 13.91
CA TYR D 193 -27.06 -11.90 12.89
C TYR D 193 -26.58 -13.34 12.62
N ILE D 194 -26.48 -13.72 11.34
CA ILE D 194 -26.09 -15.07 10.91
C ILE D 194 -24.59 -15.15 10.57
N ASP D 195 -24.00 -16.29 10.95
CA ASP D 195 -22.60 -16.59 10.70
C ASP D 195 -22.39 -18.08 10.40
N VAL D 196 -21.19 -18.42 9.91
CA VAL D 196 -20.78 -19.79 9.63
C VAL D 196 -19.52 -20.05 10.46
N ASN D 197 -19.60 -21.05 11.35
CA ASN D 197 -18.52 -21.41 12.26
C ASN D 197 -17.62 -22.51 11.69
N LEU D 198 -16.32 -22.16 11.52
CA LEU D 198 -15.24 -23.03 11.04
C LEU D 198 -14.48 -23.56 12.27
N VAL D 199 -14.61 -24.88 12.56
CA VAL D 199 -13.99 -25.54 13.72
C VAL D 199 -13.00 -26.61 13.24
N VAL D 200 -11.72 -26.47 13.62
CA VAL D 200 -10.65 -27.36 13.20
C VAL D 200 -9.94 -27.98 14.41
N LYS D 201 -9.74 -29.32 14.36
CA LYS D 201 -9.00 -30.12 15.34
C LYS D 201 -7.73 -30.61 14.65
N PHE D 202 -6.55 -30.35 15.26
CA PHE D 202 -5.25 -30.68 14.67
C PHE D 202 -4.19 -31.02 15.73
N ARG D 203 -3.00 -31.47 15.28
CA ARG D 203 -1.84 -31.82 16.11
C ARG D 203 -0.54 -31.77 15.26
N GLU D 204 0.64 -31.99 15.90
CA GLU D 204 1.93 -32.03 15.23
C GLU D 204 2.08 -33.38 14.49
N ARG D 205 2.50 -33.33 13.21
CA ARG D 205 2.64 -34.46 12.27
C ARG D 205 3.45 -35.63 12.87
N GLN E 1 -36.42 -1.48 -6.09
CA GLN E 1 -35.10 -0.92 -5.80
C GLN E 1 -34.98 0.50 -6.35
N ALA E 2 -35.90 0.86 -7.28
CA ALA E 2 -36.00 2.15 -7.98
C ALA E 2 -36.11 3.34 -7.02
N ASN E 3 -36.85 3.18 -5.91
CA ASN E 3 -37.04 4.22 -4.90
C ASN E 3 -35.73 4.52 -4.14
N LEU E 4 -35.03 3.47 -3.68
CA LEU E 4 -33.76 3.61 -2.95
C LEU E 4 -32.69 4.26 -3.85
N MET E 5 -32.65 3.85 -5.15
CA MET E 5 -31.73 4.38 -6.16
C MET E 5 -31.97 5.88 -6.38
N ARG E 6 -33.26 6.29 -6.36
CA ARG E 6 -33.72 7.67 -6.53
C ARG E 6 -33.33 8.53 -5.32
N LEU E 7 -33.60 8.05 -4.09
CA LEU E 7 -33.27 8.75 -2.83
C LEU E 7 -31.77 9.02 -2.75
N LYS E 8 -30.95 8.00 -3.06
CA LYS E 8 -29.50 8.07 -3.07
C LYS E 8 -29.00 9.11 -4.09
N SER E 9 -29.62 9.12 -5.29
CA SER E 9 -29.30 10.07 -6.36
C SER E 9 -29.59 11.51 -5.96
N ASP E 10 -30.75 11.74 -5.31
CA ASP E 10 -31.18 13.06 -4.85
C ASP E 10 -30.31 13.59 -3.71
N LEU E 11 -29.88 12.71 -2.79
CA LEU E 11 -29.06 13.09 -1.65
C LEU E 11 -27.62 13.45 -2.04
N PHE E 12 -26.93 12.55 -2.77
CA PHE E 12 -25.52 12.70 -3.07
C PHE E 12 -25.16 13.40 -4.40
N ASN E 13 -25.98 13.23 -5.46
CA ASN E 13 -25.61 13.80 -6.77
C ASN E 13 -26.18 15.19 -7.04
N ARG E 14 -27.40 15.50 -6.55
CA ARG E 14 -28.05 16.80 -6.81
C ARG E 14 -27.38 17.95 -6.02
N SER E 15 -27.38 17.84 -4.67
CA SER E 15 -26.86 18.83 -3.71
C SER E 15 -25.30 18.92 -3.71
N PRO E 16 -24.70 20.07 -3.26
CA PRO E 16 -23.22 20.17 -3.25
C PRO E 16 -22.60 19.51 -2.00
N MET E 17 -21.25 19.49 -1.94
CA MET E 17 -20.43 18.90 -0.88
C MET E 17 -20.59 19.56 0.50
N TYR E 18 -20.70 18.74 1.56
CA TYR E 18 -20.80 19.23 2.95
C TYR E 18 -19.39 19.65 3.40
N PRO E 19 -19.17 20.92 3.81
CA PRO E 19 -17.80 21.35 4.11
C PRO E 19 -17.35 21.14 5.58
N GLY E 20 -17.98 20.22 6.30
CA GLY E 20 -17.61 19.93 7.68
C GLY E 20 -18.18 20.91 8.68
N PRO E 21 -18.28 20.54 9.98
CA PRO E 21 -18.84 21.49 10.97
C PRO E 21 -18.07 22.81 11.06
N THR E 22 -18.79 23.87 11.45
CA THR E 22 -18.30 25.24 11.63
C THR E 22 -18.51 25.63 13.10
N LYS E 23 -18.41 26.93 13.42
CA LYS E 23 -18.68 27.43 14.78
C LYS E 23 -20.16 27.84 14.89
N ASP E 24 -20.78 28.14 13.73
CA ASP E 24 -22.20 28.51 13.56
C ASP E 24 -23.04 27.26 13.31
N ASP E 25 -22.39 26.15 12.93
CA ASP E 25 -23.03 24.85 12.70
C ASP E 25 -22.19 23.73 13.36
N PRO E 26 -22.10 23.66 14.71
CA PRO E 26 -21.29 22.62 15.33
C PRO E 26 -22.08 21.33 15.56
N LEU E 27 -21.35 20.21 15.76
CA LEU E 27 -21.99 18.92 16.02
C LEU E 27 -21.31 18.16 17.18
N THR E 28 -21.99 17.10 17.67
CA THR E 28 -21.51 16.26 18.76
C THR E 28 -21.44 14.80 18.28
N VAL E 29 -20.33 14.11 18.64
CA VAL E 29 -20.10 12.71 18.28
C VAL E 29 -20.11 11.85 19.54
N THR E 30 -20.89 10.74 19.53
CA THR E 30 -20.97 9.81 20.65
C THR E 30 -19.98 8.66 20.39
N LEU E 31 -19.17 8.33 21.40
CA LEU E 31 -18.14 7.27 21.32
C LEU E 31 -18.41 6.14 22.31
N GLY E 32 -17.94 4.94 21.95
CA GLY E 32 -18.08 3.71 22.74
C GLY E 32 -17.13 2.62 22.31
N PHE E 33 -16.58 1.88 23.30
CA PHE E 33 -15.59 0.84 23.00
C PHE E 33 -15.98 -0.58 23.44
N THR E 34 -15.59 -1.56 22.61
CA THR E 34 -15.75 -3.00 22.83
C THR E 34 -14.36 -3.61 22.74
N LEU E 35 -13.77 -3.96 23.90
CA LEU E 35 -12.43 -4.57 23.92
C LEU E 35 -12.50 -6.10 23.66
N GLN E 36 -11.71 -6.55 22.66
CA GLN E 36 -11.66 -7.94 22.19
C GLN E 36 -10.42 -8.71 22.68
N ASP E 37 -9.21 -8.09 22.68
CA ASP E 37 -7.97 -8.76 23.09
C ASP E 37 -6.75 -7.81 23.23
N ILE E 38 -5.85 -8.17 24.15
CA ILE E 38 -4.52 -7.60 24.37
C ILE E 38 -3.60 -8.65 23.73
N VAL E 39 -3.13 -8.41 22.51
CA VAL E 39 -2.37 -9.41 21.75
C VAL E 39 -0.92 -9.56 22.27
N LYS E 40 -0.16 -8.45 22.51
CA LYS E 40 1.22 -8.56 23.03
C LYS E 40 1.69 -7.30 23.78
N VAL E 41 2.69 -7.45 24.68
CA VAL E 41 3.32 -6.35 25.41
C VAL E 41 4.85 -6.39 25.15
N ASP E 42 5.46 -5.25 24.82
CA ASP E 42 6.90 -5.20 24.57
C ASP E 42 7.57 -4.37 25.66
N SER E 43 8.18 -5.06 26.63
CA SER E 43 8.86 -4.49 27.80
C SER E 43 10.12 -3.71 27.44
N SER E 44 10.74 -3.99 26.27
CA SER E 44 11.97 -3.34 25.84
C SER E 44 11.73 -1.98 25.16
N THR E 45 10.51 -1.71 24.65
CA THR E 45 10.18 -0.43 23.97
C THR E 45 8.96 0.27 24.61
N ASN E 46 8.29 -0.42 25.56
CA ASN E 46 7.09 0.03 26.27
C ASN E 46 5.97 0.33 25.27
N GLU E 47 5.60 -0.69 24.47
CA GLU E 47 4.56 -0.64 23.45
C GLU E 47 3.55 -1.77 23.71
N VAL E 48 2.24 -1.47 23.61
CA VAL E 48 1.18 -2.47 23.82
C VAL E 48 0.20 -2.47 22.62
N ASP E 49 -0.20 -3.68 22.15
CA ASP E 49 -1.13 -3.87 21.04
C ASP E 49 -2.54 -4.25 21.52
N LEU E 50 -3.57 -3.61 20.92
CA LEU E 50 -5.00 -3.83 21.20
C LEU E 50 -5.81 -4.11 19.94
N VAL E 51 -6.82 -4.99 20.08
CA VAL E 51 -7.78 -5.34 19.03
C VAL E 51 -9.16 -5.04 19.62
N TYR E 52 -9.94 -4.20 18.93
CA TYR E 52 -11.25 -3.71 19.40
C TYR E 52 -12.08 -3.14 18.25
N TYR E 53 -13.31 -2.66 18.56
CA TYR E 53 -14.14 -1.93 17.62
C TYR E 53 -14.88 -0.79 18.32
N GLU E 54 -14.85 0.38 17.65
CA GLU E 54 -15.39 1.68 18.05
C GLU E 54 -16.81 1.94 17.57
N GLN E 55 -17.59 2.68 18.38
CA GLN E 55 -18.95 3.09 18.01
C GLN E 55 -18.93 4.60 17.74
N GLN E 56 -19.37 5.00 16.53
CA GLN E 56 -19.42 6.42 16.15
C GLN E 56 -20.85 6.81 15.75
N ARG E 57 -21.41 7.86 16.40
CA ARG E 57 -22.76 8.37 16.13
C ARG E 57 -22.78 9.89 16.01
N TRP E 58 -23.40 10.41 14.93
CA TRP E 58 -23.60 11.86 14.70
C TRP E 58 -24.86 12.09 13.85
N LYS E 59 -25.36 13.34 13.81
CA LYS E 59 -26.57 13.68 13.06
C LYS E 59 -26.33 14.92 12.20
N LEU E 60 -26.85 14.92 10.95
CA LEU E 60 -26.74 16.04 10.00
C LEU E 60 -28.10 16.35 9.40
N ASN E 61 -28.42 17.64 9.24
CA ASN E 61 -29.70 18.07 8.65
C ASN E 61 -29.70 17.87 7.14
N SER E 62 -28.52 17.88 6.52
CA SER E 62 -28.31 17.69 5.09
C SER E 62 -28.58 16.23 4.66
N LEU E 63 -28.76 15.30 5.62
CA LEU E 63 -28.98 13.88 5.36
C LEU E 63 -30.39 13.36 5.69
N MET E 64 -31.31 14.22 6.13
CA MET E 64 -32.66 13.74 6.47
C MET E 64 -33.63 13.82 5.28
N TRP E 65 -34.71 12.99 5.31
CA TRP E 65 -35.75 12.92 4.27
C TRP E 65 -37.11 12.46 4.82
N ASP E 66 -38.18 12.62 4.00
CA ASP E 66 -39.54 12.17 4.35
C ASP E 66 -39.72 10.76 3.78
N PRO E 67 -39.90 9.72 4.64
CA PRO E 67 -40.04 8.35 4.13
C PRO E 67 -41.23 8.15 3.20
N ASN E 68 -42.34 8.86 3.47
CA ASN E 68 -43.57 8.82 2.69
C ASN E 68 -43.34 9.15 1.21
N GLU E 69 -42.45 10.12 0.92
CA GLU E 69 -42.16 10.56 -0.45
C GLU E 69 -41.25 9.57 -1.21
N TYR E 70 -40.56 8.67 -0.50
CA TYR E 70 -39.66 7.70 -1.13
C TYR E 70 -40.06 6.25 -0.82
N GLY E 71 -41.35 5.95 -0.96
CA GLY E 71 -41.91 4.62 -0.75
C GLY E 71 -41.66 3.98 0.61
N ASN E 72 -41.86 4.76 1.69
CA ASN E 72 -41.74 4.37 3.10
C ASN E 72 -40.37 3.72 3.42
N ILE E 73 -39.26 4.40 3.08
CA ILE E 73 -37.89 3.95 3.37
C ILE E 73 -37.42 4.71 4.60
N THR E 74 -37.07 4.00 5.68
CA THR E 74 -36.63 4.61 6.94
C THR E 74 -35.10 4.71 7.04
N ASP E 75 -34.36 3.73 6.49
CA ASP E 75 -32.89 3.72 6.55
C ASP E 75 -32.23 2.92 5.39
N PHE E 76 -30.89 3.04 5.24
CA PHE E 76 -30.10 2.34 4.23
C PHE E 76 -28.60 2.30 4.59
N ARG E 77 -27.88 1.32 4.02
CA ARG E 77 -26.43 1.12 4.17
C ARG E 77 -25.72 1.82 3.01
N THR E 78 -24.56 2.45 3.27
CA THR E 78 -23.78 3.15 2.25
C THR E 78 -22.29 3.13 2.61
N SER E 79 -21.42 3.16 1.58
CA SER E 79 -19.98 3.20 1.75
C SER E 79 -19.60 4.50 2.45
N ALA E 80 -18.69 4.41 3.43
CA ALA E 80 -18.20 5.55 4.21
C ALA E 80 -17.53 6.60 3.31
N ALA E 81 -17.20 6.22 2.07
CA ALA E 81 -16.59 7.09 1.07
C ALA E 81 -17.58 8.14 0.56
N ASP E 82 -18.88 7.82 0.59
CA ASP E 82 -19.95 8.68 0.09
C ASP E 82 -20.35 9.80 1.06
N ILE E 83 -20.04 9.64 2.36
CA ILE E 83 -20.45 10.59 3.41
C ILE E 83 -19.27 11.18 4.20
N TRP E 84 -19.52 12.31 4.92
CA TRP E 84 -18.53 12.96 5.77
C TRP E 84 -18.34 12.11 7.03
N THR E 85 -17.08 11.98 7.51
CA THR E 85 -16.77 11.22 8.73
C THR E 85 -15.83 12.01 9.65
N PRO E 86 -16.00 11.89 11.01
CA PRO E 86 -15.11 12.62 11.93
C PRO E 86 -13.67 12.06 11.94
N ASP E 87 -12.68 12.96 12.12
CA ASP E 87 -11.24 12.68 12.15
C ASP E 87 -10.76 12.27 13.57
N ILE E 88 -11.34 11.16 14.13
CA ILE E 88 -10.98 10.67 15.47
C ILE E 88 -9.62 9.96 15.39
N THR E 89 -8.68 10.37 16.29
CA THR E 89 -7.30 9.87 16.35
C THR E 89 -6.87 9.55 17.78
N ALA E 90 -5.87 8.67 17.96
CA ALA E 90 -5.26 8.32 19.25
C ALA E 90 -3.98 9.17 19.46
N TYR E 91 -3.86 9.88 20.60
CA TYR E 91 -2.71 10.76 20.86
C TYR E 91 -1.36 10.02 21.05
N SER E 92 -1.34 8.87 21.75
CA SER E 92 -0.09 8.15 22.06
C SER E 92 0.22 6.92 21.14
N SER E 93 -0.25 6.90 19.88
CA SER E 93 0.05 5.77 18.96
C SER E 93 1.52 5.78 18.52
N THR E 94 2.09 4.60 18.18
CA THR E 94 3.50 4.51 17.76
C THR E 94 3.64 3.96 16.34
N ARG E 95 2.55 3.42 15.76
CA ARG E 95 2.50 2.86 14.39
C ARG E 95 1.14 3.16 13.76
N PRO E 96 1.02 3.28 12.40
CA PRO E 96 -0.30 3.58 11.82
C PRO E 96 -1.34 2.47 12.09
N VAL E 97 -2.56 2.86 12.50
CA VAL E 97 -3.65 1.94 12.84
C VAL E 97 -4.03 1.09 11.61
N GLN E 98 -4.23 -0.22 11.85
CA GLN E 98 -4.65 -1.21 10.85
C GLN E 98 -6.17 -1.39 10.90
N VAL E 99 -6.87 -1.31 9.75
CA VAL E 99 -8.33 -1.50 9.69
C VAL E 99 -8.61 -2.99 9.51
N LEU E 100 -9.59 -3.53 10.26
CA LEU E 100 -9.90 -4.96 10.19
C LEU E 100 -11.38 -5.27 9.80
N SER E 101 -12.16 -4.24 9.36
CA SER E 101 -13.56 -4.41 8.98
C SER E 101 -13.94 -3.56 7.74
N PRO E 102 -15.01 -3.93 6.99
CA PRO E 102 -15.45 -3.08 5.86
C PRO E 102 -15.90 -1.67 6.30
N GLN E 103 -15.71 -0.68 5.41
CA GLN E 103 -16.02 0.74 5.66
C GLN E 103 -17.42 1.10 5.14
N ILE E 104 -18.46 0.57 5.79
CA ILE E 104 -19.87 0.82 5.46
C ILE E 104 -20.56 1.41 6.70
N ALA E 105 -21.42 2.44 6.50
CA ALA E 105 -22.19 3.08 7.56
C ALA E 105 -23.71 3.02 7.24
N VAL E 106 -24.57 3.25 8.25
CA VAL E 106 -26.03 3.21 8.10
C VAL E 106 -26.61 4.60 8.34
N VAL E 107 -27.51 5.05 7.42
CA VAL E 107 -28.15 6.37 7.49
C VAL E 107 -29.67 6.21 7.69
N THR E 108 -30.25 6.91 8.70
CA THR E 108 -31.70 6.90 8.98
C THR E 108 -32.34 8.22 8.50
N HIS E 109 -33.66 8.20 8.25
CA HIS E 109 -34.45 9.31 7.70
C HIS E 109 -34.42 10.61 8.53
N ASP E 110 -33.97 10.56 9.79
CA ASP E 110 -33.90 11.77 10.62
C ASP E 110 -32.53 12.47 10.47
N GLY E 111 -31.59 11.84 9.77
CA GLY E 111 -30.27 12.38 9.54
C GLY E 111 -29.17 11.79 10.40
N SER E 112 -29.49 10.77 11.23
CA SER E 112 -28.53 10.09 12.11
C SER E 112 -27.64 9.12 11.34
N VAL E 113 -26.34 9.09 11.69
CA VAL E 113 -25.34 8.21 11.07
C VAL E 113 -24.69 7.32 12.16
N MET E 114 -24.50 6.02 11.84
CA MET E 114 -23.85 5.05 12.70
C MET E 114 -22.75 4.36 11.93
N PHE E 115 -21.51 4.38 12.47
CA PHE E 115 -20.33 3.77 11.87
C PHE E 115 -19.55 2.98 12.92
N ILE E 116 -19.29 1.66 12.66
CA ILE E 116 -18.62 0.78 13.62
C ILE E 116 -17.29 0.20 13.02
N PRO E 117 -16.15 0.93 13.12
CA PRO E 117 -14.90 0.40 12.57
C PRO E 117 -14.09 -0.48 13.54
N ALA E 118 -13.63 -1.68 13.06
CA ALA E 118 -12.79 -2.63 13.82
C ALA E 118 -11.34 -2.40 13.50
N GLN E 119 -10.46 -2.37 14.53
CA GLN E 119 -9.04 -2.05 14.30
C GLN E 119 -8.05 -2.61 15.34
N ARG E 120 -6.73 -2.61 14.95
CA ARG E 120 -5.55 -2.98 15.74
C ARG E 120 -4.71 -1.73 15.99
N LEU E 121 -4.33 -1.46 17.26
CA LEU E 121 -3.58 -0.26 17.65
C LEU E 121 -2.37 -0.55 18.56
N SER E 122 -1.21 0.12 18.29
CA SER E 122 0.01 0.07 19.08
C SER E 122 0.26 1.40 19.75
N PHE E 123 0.32 1.44 21.10
CA PHE E 123 0.50 2.69 21.83
C PHE E 123 1.51 2.58 22.99
N MET E 124 1.93 3.75 23.53
CA MET E 124 2.87 3.90 24.63
C MET E 124 2.22 3.46 25.96
N CYS E 125 2.89 2.51 26.66
CA CYS E 125 2.44 1.90 27.92
C CYS E 125 3.58 1.08 28.56
N ASP E 126 3.93 1.39 29.83
CA ASP E 126 4.97 0.65 30.58
C ASP E 126 4.33 -0.59 31.23
N PRO E 127 4.77 -1.81 30.88
CA PRO E 127 4.11 -3.01 31.41
C PRO E 127 4.73 -3.58 32.68
N THR E 128 5.62 -2.84 33.35
CA THR E 128 6.30 -3.27 34.58
C THR E 128 5.27 -3.60 35.67
N GLY E 129 5.29 -4.86 36.11
CA GLY E 129 4.41 -5.37 37.15
C GLY E 129 3.19 -6.11 36.63
N VAL E 130 3.20 -6.53 35.35
CA VAL E 130 2.08 -7.28 34.74
C VAL E 130 2.10 -8.72 35.32
N ASP E 131 3.29 -9.20 35.72
CA ASP E 131 3.55 -10.52 36.30
C ASP E 131 3.11 -10.61 37.77
N SER E 132 2.74 -9.46 38.39
CA SER E 132 2.27 -9.39 39.78
C SER E 132 0.78 -9.73 39.88
N GLU E 133 0.29 -9.97 41.12
CA GLU E 133 -1.13 -10.29 41.37
C GLU E 133 -1.99 -9.03 41.26
N GLU E 134 -1.41 -7.87 41.63
CA GLU E 134 -2.07 -6.54 41.58
C GLU E 134 -2.25 -6.03 40.13
N GLY E 135 -1.32 -6.39 39.24
CA GLY E 135 -1.34 -6.00 37.84
C GLY E 135 -0.85 -4.60 37.55
N VAL E 136 -0.90 -4.19 36.26
CA VAL E 136 -0.46 -2.88 35.77
C VAL E 136 -1.64 -2.15 35.05
N THR E 137 -1.67 -0.80 35.09
CA THR E 137 -2.70 0.03 34.48
C THR E 137 -2.10 0.94 33.42
N CYS E 138 -2.82 1.11 32.28
CA CYS E 138 -2.42 1.97 31.17
C CYS E 138 -3.61 2.74 30.60
N ALA E 139 -3.33 3.87 29.90
CA ALA E 139 -4.38 4.69 29.31
C ALA E 139 -3.99 5.26 27.93
N VAL E 140 -5.02 5.62 27.13
CA VAL E 140 -4.88 6.20 25.78
C VAL E 140 -6.12 7.10 25.48
N LYS E 141 -5.86 8.32 24.94
CA LYS E 141 -6.86 9.34 24.63
C LYS E 141 -7.26 9.35 23.17
N PHE E 142 -8.56 9.49 22.91
CA PHE E 142 -9.13 9.55 21.56
C PHE E 142 -9.88 10.85 21.34
N GLY E 143 -9.77 11.41 20.14
CA GLY E 143 -10.47 12.65 19.76
C GLY E 143 -10.03 13.23 18.42
N SER E 144 -10.75 14.28 17.97
CA SER E 144 -10.49 15.01 16.71
C SER E 144 -9.12 15.70 16.75
N TRP E 145 -8.32 15.47 15.70
CA TRP E 145 -6.98 16.04 15.58
C TRP E 145 -7.06 17.55 15.25
N VAL E 146 -7.89 17.96 14.25
CA VAL E 146 -7.98 19.36 13.81
C VAL E 146 -9.10 20.19 14.46
N TYR E 147 -10.29 19.62 14.68
CA TYR E 147 -11.44 20.39 15.19
C TYR E 147 -11.45 20.56 16.71
N SER E 148 -11.72 21.81 17.17
CA SER E 148 -11.77 22.21 18.59
C SER E 148 -13.12 21.81 19.25
N GLY E 149 -13.49 22.52 20.31
CA GLY E 149 -14.73 22.27 21.05
C GLY E 149 -15.95 23.01 20.54
N PHE E 150 -15.73 24.12 19.81
CA PHE E 150 -16.79 24.95 19.23
C PHE E 150 -17.21 24.45 17.82
N GLU E 151 -16.63 23.32 17.36
CA GLU E 151 -16.94 22.72 16.06
C GLU E 151 -17.42 21.29 16.26
N ILE E 152 -16.70 20.50 17.10
CA ILE E 152 -17.01 19.10 17.45
C ILE E 152 -16.87 18.88 18.98
N ASP E 153 -17.94 18.36 19.62
CA ASP E 153 -17.99 17.98 21.04
C ASP E 153 -18.12 16.44 21.12
N LEU E 154 -17.77 15.83 22.27
CA LEU E 154 -17.87 14.38 22.42
C LEU E 154 -18.78 14.00 23.60
N LYS E 155 -19.35 12.80 23.54
CA LYS E 155 -20.29 12.25 24.52
C LYS E 155 -20.13 10.72 24.64
N THR E 156 -20.42 10.16 25.83
CA THR E 156 -20.38 8.71 26.09
C THR E 156 -21.67 8.31 26.80
N ASP E 157 -22.35 7.24 26.31
CA ASP E 157 -23.59 6.75 26.92
C ASP E 157 -23.33 6.10 28.30
N THR E 158 -22.15 5.50 28.49
CA THR E 158 -21.70 4.84 29.72
C THR E 158 -20.20 5.11 29.99
N ASP E 159 -19.75 4.82 31.22
CA ASP E 159 -18.36 4.99 31.60
C ASP E 159 -17.66 3.63 31.74
N GLN E 160 -18.41 2.53 31.48
CA GLN E 160 -17.88 1.17 31.53
C GLN E 160 -17.72 0.61 30.10
N VAL E 161 -16.50 0.13 29.76
CA VAL E 161 -16.15 -0.41 28.44
C VAL E 161 -16.76 -1.82 28.29
N ASP E 162 -17.27 -2.16 27.09
CA ASP E 162 -17.89 -3.45 26.83
C ASP E 162 -16.86 -4.57 26.79
N LEU E 163 -16.93 -5.48 27.78
CA LEU E 163 -16.00 -6.61 27.86
C LEU E 163 -16.69 -7.96 27.60
N SER E 164 -17.95 -7.94 27.12
CA SER E 164 -18.75 -9.12 26.82
C SER E 164 -18.20 -9.95 25.63
N SER E 165 -17.24 -9.38 24.86
CA SER E 165 -16.65 -10.04 23.70
C SER E 165 -15.12 -10.21 23.85
N TYR E 166 -14.59 -10.10 25.09
CA TYR E 166 -13.16 -10.27 25.34
C TYR E 166 -12.77 -11.76 25.24
N TYR E 167 -11.66 -12.04 24.53
CA TYR E 167 -11.12 -13.38 24.26
C TYR E 167 -10.76 -14.11 25.56
N ALA E 168 -11.50 -15.21 25.81
CA ALA E 168 -11.42 -16.06 26.98
C ALA E 168 -10.03 -16.67 27.24
N SER E 169 -9.30 -17.08 26.20
CA SER E 169 -7.98 -17.69 26.37
C SER E 169 -6.83 -16.71 26.06
N SER E 170 -7.05 -15.40 26.25
CA SER E 170 -5.99 -14.39 26.07
C SER E 170 -4.88 -14.58 27.11
N LYS E 171 -3.63 -14.22 26.79
CA LYS E 171 -2.50 -14.34 27.72
C LYS E 171 -2.61 -13.35 28.90
N TYR E 172 -3.58 -12.38 28.83
CA TYR E 172 -3.79 -11.35 29.84
C TYR E 172 -5.26 -11.22 30.26
N GLU E 173 -5.53 -11.26 31.59
CA GLU E 173 -6.89 -11.08 32.15
C GLU E 173 -7.17 -9.58 32.41
N ILE E 174 -8.40 -9.08 32.12
CA ILE E 174 -8.80 -7.69 32.39
C ILE E 174 -9.38 -7.57 33.80
N LEU E 175 -8.84 -6.63 34.60
CA LEU E 175 -9.31 -6.38 35.98
C LEU E 175 -10.42 -5.31 35.98
N SER E 176 -10.25 -4.25 35.16
CA SER E 176 -11.22 -3.16 34.95
C SER E 176 -10.87 -2.35 33.68
N ALA E 177 -11.90 -1.79 33.01
CA ALA E 177 -11.80 -0.96 31.80
C ALA E 177 -12.90 0.12 31.82
N THR E 178 -12.53 1.42 31.66
CA THR E 178 -13.45 2.58 31.71
C THR E 178 -13.21 3.61 30.58
N GLN E 179 -14.26 4.36 30.21
CA GLN E 179 -14.22 5.39 29.17
C GLN E 179 -14.78 6.70 29.75
N THR E 180 -13.97 7.77 29.83
CA THR E 180 -14.43 9.06 30.41
C THR E 180 -13.96 10.29 29.64
N ARG E 181 -14.89 11.25 29.42
CA ARG E 181 -14.71 12.48 28.67
C ARG E 181 -13.79 13.43 29.40
N GLN E 182 -12.95 14.15 28.66
CA GLN E 182 -12.00 15.13 29.20
C GLN E 182 -11.99 16.41 28.38
N VAL E 183 -11.67 17.54 29.03
CA VAL E 183 -11.52 18.84 28.36
C VAL E 183 -10.07 19.30 28.58
N GLN E 184 -9.32 19.41 27.49
CA GLN E 184 -7.91 19.78 27.57
C GLN E 184 -7.69 21.21 27.08
N HIS E 185 -6.69 21.89 27.67
CA HIS E 185 -6.30 23.23 27.26
C HIS E 185 -4.83 23.17 26.85
N TYR E 186 -4.56 23.42 25.57
CA TYR E 186 -3.20 23.36 25.04
C TYR E 186 -2.64 24.75 24.86
N SER E 187 -1.31 24.90 25.03
CA SER E 187 -0.58 26.16 24.93
C SER E 187 -0.75 26.85 23.55
N CYS E 188 -0.74 26.06 22.46
CA CYS E 188 -0.88 26.44 21.05
C CYS E 188 -2.07 27.29 20.75
N CYS E 189 -3.19 26.94 21.37
CA CYS E 189 -4.48 27.36 20.96
C CYS E 189 -5.35 27.91 22.10
N PRO E 190 -5.98 29.10 21.92
CA PRO E 190 -6.81 29.68 23.00
C PRO E 190 -8.13 28.96 23.25
N GLU E 191 -8.56 28.12 22.29
CA GLU E 191 -9.80 27.34 22.35
C GLU E 191 -9.56 25.99 23.07
N PRO E 192 -10.59 25.36 23.70
CA PRO E 192 -10.34 24.04 24.31
C PRO E 192 -10.55 22.90 23.29
N TYR E 193 -10.08 21.69 23.64
CA TYR E 193 -10.21 20.48 22.80
C TYR E 193 -10.76 19.33 23.63
N ILE E 194 -11.81 18.66 23.14
CA ILE E 194 -12.46 17.59 23.88
C ILE E 194 -11.98 16.20 23.40
N ASP E 195 -11.79 15.28 24.37
CA ASP E 195 -11.36 13.89 24.13
C ASP E 195 -12.03 12.93 25.14
N VAL E 196 -11.88 11.59 24.92
CA VAL E 196 -12.37 10.53 25.80
C VAL E 196 -11.16 9.64 26.15
N ASN E 197 -10.92 9.40 27.45
CA ASN E 197 -9.78 8.63 27.96
C ASN E 197 -10.14 7.19 28.33
N LEU E 198 -9.53 6.23 27.59
CA LEU E 198 -9.67 4.77 27.76
C LEU E 198 -8.60 4.26 28.73
N VAL E 199 -9.03 3.79 29.91
CA VAL E 199 -8.12 3.28 30.95
C VAL E 199 -8.41 1.80 31.23
N VAL E 200 -7.37 0.95 31.09
CA VAL E 200 -7.47 -0.50 31.28
C VAL E 200 -6.46 -0.99 32.32
N LYS E 201 -6.92 -1.84 33.26
CA LYS E 201 -6.15 -2.49 34.34
C LYS E 201 -6.12 -3.99 34.04
N PHE E 202 -4.91 -4.58 33.86
CA PHE E 202 -4.76 -6.00 33.46
C PHE E 202 -3.52 -6.67 34.13
N ARG E 203 -3.40 -8.02 33.95
CA ARG E 203 -2.32 -8.86 34.47
C ARG E 203 -2.22 -10.19 33.67
N GLU E 204 -1.12 -10.95 33.86
CA GLU E 204 -0.92 -12.24 33.20
C GLU E 204 -1.88 -13.30 33.72
N ARG E 205 -2.34 -14.18 32.80
CA ARG E 205 -3.27 -15.29 33.02
C ARG E 205 -2.67 -16.31 33.99
#